data_3OUT
#
_entry.id   3OUT
#
_cell.length_a   98.060
_cell.length_b   98.060
_cell.length_c   154.150
_cell.angle_alpha   90.00
_cell.angle_beta   90.00
_cell.angle_gamma   90.00
#
_symmetry.space_group_name_H-M   'P 43 21 2'
#
loop_
_entity.id
_entity.type
_entity.pdbx_description
1 polymer 'Glutamate racemase'
2 non-polymer 'D-GLUTAMIC ACID'
3 water water
#
_entity_poly.entity_id   1
_entity_poly.type   'polypeptide(L)'
_entity_poly.pdbx_seq_one_letter_code
;SNA(MSE)LDNRPIGVFDSGIGGLTIVKNL(MSE)SILPNEDIIYFGDIARIPYGTKSRATIQKFAAQTAKFLIDQEVKA
IIIACNTISAIAKDIVQEIAKAIPVIDVITAGVSLVDNLNTVGVIATPATINSNAYALQIHKKNPNIEVYSNPCGLFVS
(MSE)IEEGFVSGHIVELVAKEYLSYFHDKNIQALILGCTHYPIIKESIAKILDVKLIDPSLQASK(MSE)LYSLLFENK
LLNTTKSNPEYRFYVTDIPLKFRSVGE(MSE)FLQTE(MSE)QHLEIVSLDSY
;
_entity_poly.pdbx_strand_id   A,B,C
#
# COMPACT_ATOMS: atom_id res chain seq x y z
N LEU A 5 -23.78 -13.86 -22.95
CA LEU A 5 -23.14 -12.54 -23.26
C LEU A 5 -23.72 -11.36 -22.48
N ASP A 6 -25.04 -11.22 -22.38
CA ASP A 6 -25.57 -10.08 -21.61
C ASP A 6 -25.35 -10.21 -20.08
N ASN A 7 -25.04 -11.41 -19.60
CA ASN A 7 -24.64 -11.60 -18.18
C ASN A 7 -23.12 -11.50 -17.90
N ARG A 8 -22.34 -11.09 -18.90
N ARG A 8 -22.35 -11.07 -18.89
CA ARG A 8 -20.91 -10.83 -18.73
CA ARG A 8 -20.93 -10.82 -18.71
C ARG A 8 -20.76 -9.45 -18.10
C ARG A 8 -20.77 -9.45 -18.08
N PRO A 9 -19.64 -9.21 -17.37
CA PRO A 9 -19.44 -7.90 -16.78
C PRO A 9 -18.98 -6.82 -17.75
N ILE A 10 -19.20 -5.60 -17.34
CA ILE A 10 -18.59 -4.46 -17.93
C ILE A 10 -17.17 -4.29 -17.39
N GLY A 11 -16.22 -3.94 -18.25
CA GLY A 11 -14.89 -3.64 -17.77
C GLY A 11 -14.57 -2.16 -17.70
N VAL A 12 -14.23 -1.66 -16.51
CA VAL A 12 -13.79 -0.27 -16.37
C VAL A 12 -12.29 -0.25 -16.30
N PHE A 13 -11.69 0.36 -17.30
CA PHE A 13 -10.25 0.28 -17.58
C PHE A 13 -9.61 1.60 -17.11
N ASP A 14 -8.83 1.53 -16.04
CA ASP A 14 -8.22 2.69 -15.47
C ASP A 14 -6.69 2.55 -15.40
N SER A 15 -6.02 3.68 -15.26
CA SER A 15 -4.66 3.71 -14.80
C SER A 15 -4.68 3.40 -13.28
N GLY A 16 -5.42 4.20 -12.55
CA GLY A 16 -5.70 3.89 -11.18
C GLY A 16 -6.34 4.99 -10.40
N ILE A 17 -7.21 4.60 -9.45
CA ILE A 17 -7.86 5.49 -8.49
C ILE A 17 -8.96 6.40 -9.00
N GLY A 18 -8.68 7.25 -9.98
CA GLY A 18 -9.73 8.21 -10.41
C GLY A 18 -10.85 7.66 -11.26
N GLY A 19 -10.59 6.54 -11.91
CA GLY A 19 -11.58 5.87 -12.76
C GLY A 19 -12.69 5.22 -11.96
N LEU A 20 -12.53 5.16 -10.65
CA LEU A 20 -13.60 4.70 -9.76
C LEU A 20 -14.84 5.58 -9.88
N THR A 21 -14.67 6.81 -10.34
N THR A 21 -14.71 6.84 -10.34
CA THR A 21 -15.80 7.70 -10.62
CA THR A 21 -15.92 7.66 -10.54
C THR A 21 -16.74 7.07 -11.64
C THR A 21 -16.79 7.07 -11.64
N ILE A 22 -16.18 6.45 -12.67
CA ILE A 22 -16.97 5.77 -13.70
C ILE A 22 -17.73 4.58 -13.10
N VAL A 23 -17.10 3.82 -12.21
CA VAL A 23 -17.83 2.76 -11.51
C VAL A 23 -19.05 3.34 -10.75
N LYS A 24 -18.81 4.42 -10.01
CA LYS A 24 -19.90 5.11 -9.27
C LYS A 24 -21.05 5.48 -10.21
N ASN A 25 -20.70 6.06 -11.35
CA ASN A 25 -21.72 6.49 -12.32
C ASN A 25 -22.52 5.27 -12.83
N LEU A 26 -21.84 4.18 -13.15
CA LEU A 26 -22.48 3.00 -13.69
C LEU A 26 -23.36 2.31 -12.60
N SER A 28 -25.03 3.82 -10.51
CA SER A 28 -26.22 4.65 -10.47
C SER A 28 -27.14 4.44 -11.68
N ILE A 29 -26.57 4.51 -12.87
CA ILE A 29 -27.37 4.48 -14.09
C ILE A 29 -27.64 3.05 -14.59
N LEU A 30 -26.79 2.09 -14.22
CA LEU A 30 -26.93 0.70 -14.63
C LEU A 30 -26.84 -0.20 -13.36
N PRO A 31 -27.85 -0.13 -12.48
CA PRO A 31 -27.75 -0.77 -11.15
C PRO A 31 -27.76 -2.28 -11.15
N ASN A 32 -28.04 -2.92 -12.29
CA ASN A 32 -28.06 -4.35 -12.33
C ASN A 32 -26.95 -4.97 -13.18
N GLU A 33 -26.00 -4.14 -13.58
CA GLU A 33 -24.81 -4.61 -14.28
C GLU A 33 -23.70 -5.01 -13.32
N ASP A 34 -23.10 -6.16 -13.58
CA ASP A 34 -21.86 -6.55 -12.91
C ASP A 34 -20.72 -5.73 -13.50
N ILE A 35 -19.74 -5.40 -12.67
CA ILE A 35 -18.61 -4.55 -13.11
C ILE A 35 -17.29 -5.15 -12.61
N ILE A 36 -16.31 -5.19 -13.49
CA ILE A 36 -14.91 -5.43 -13.14
C ILE A 36 -14.16 -4.11 -13.35
N TYR A 37 -13.58 -3.59 -12.27
CA TYR A 37 -12.69 -2.43 -12.32
C TYR A 37 -11.25 -2.93 -12.35
N PHE A 38 -10.41 -2.38 -13.23
CA PHE A 38 -8.99 -2.64 -13.22
C PHE A 38 -8.19 -1.38 -12.94
N GLY A 39 -7.34 -1.42 -11.92
CA GLY A 39 -6.46 -0.32 -11.63
C GLY A 39 -5.04 -0.83 -11.50
N ASP A 40 -4.13 -0.21 -12.24
CA ASP A 40 -2.70 -0.57 -12.21
C ASP A 40 -1.99 0.24 -11.10
N ILE A 41 -2.46 0.03 -9.88
CA ILE A 41 -2.04 0.80 -8.70
C ILE A 41 -0.51 0.65 -8.51
N ALA A 42 0.07 -0.48 -8.92
CA ALA A 42 1.54 -0.65 -8.76
C ALA A 42 2.37 0.37 -9.52
N ARG A 43 1.86 0.88 -10.65
CA ARG A 43 2.66 1.66 -11.59
C ARG A 43 2.16 3.07 -11.83
N ILE A 44 1.04 3.45 -11.21
CA ILE A 44 0.63 4.85 -11.26
C ILE A 44 1.64 5.80 -10.58
N PRO A 45 1.67 7.05 -11.03
CA PRO A 45 0.83 7.64 -12.07
C PRO A 45 1.27 7.32 -13.47
N TYR A 46 0.31 7.31 -14.40
CA TYR A 46 0.60 7.29 -15.83
C TYR A 46 0.85 8.69 -16.42
N GLY A 47 0.32 9.71 -15.75
CA GLY A 47 0.20 11.03 -16.36
C GLY A 47 1.50 11.77 -16.56
N THR A 48 2.56 11.30 -15.90
CA THR A 48 3.89 11.86 -16.08
C THR A 48 4.87 10.89 -16.79
N LYS A 49 4.37 9.79 -17.34
CA LYS A 49 5.22 8.80 -17.99
C LYS A 49 5.26 9.04 -19.50
N SER A 50 6.20 8.41 -20.19
CA SER A 50 6.28 8.51 -21.67
C SER A 50 5.16 7.82 -22.40
N ARG A 51 4.97 8.27 -23.64
CA ARG A 51 4.01 7.68 -24.56
C ARG A 51 4.23 6.19 -24.69
N ALA A 52 5.47 5.76 -24.97
CA ALA A 52 5.73 4.35 -25.19
C ALA A 52 5.45 3.50 -23.95
N THR A 53 5.76 4.03 -22.77
CA THR A 53 5.47 3.33 -21.49
C THR A 53 3.98 3.17 -21.22
N ILE A 54 3.24 4.25 -21.45
CA ILE A 54 1.79 4.19 -21.27
C ILE A 54 1.18 3.15 -22.22
N GLN A 55 1.64 3.12 -23.48
CA GLN A 55 1.15 2.15 -24.46
C GLN A 55 1.45 0.71 -24.05
N LYS A 56 2.65 0.50 -23.50
CA LYS A 56 3.08 -0.84 -23.04
C LYS A 56 2.19 -1.28 -21.89
N PHE A 57 1.99 -0.39 -20.91
CA PHE A 57 1.16 -0.72 -19.77
C PHE A 57 -0.29 -0.99 -20.15
N ALA A 58 -0.85 -0.13 -21.01
CA ALA A 58 -2.24 -0.27 -21.43
C ALA A 58 -2.52 -1.55 -22.18
N ALA A 59 -1.56 -1.99 -23.00
CA ALA A 59 -1.71 -3.24 -23.72
C ALA A 59 -1.85 -4.41 -22.75
N GLN A 60 -1.08 -4.40 -21.68
CA GLN A 60 -1.18 -5.48 -20.66
C GLN A 60 -2.57 -5.52 -20.01
N THR A 61 -3.06 -4.37 -19.54
CA THR A 61 -4.42 -4.31 -18.95
C THR A 61 -5.52 -4.74 -19.93
N ALA A 62 -5.42 -4.26 -21.16
CA ALA A 62 -6.39 -4.64 -22.16
C ALA A 62 -6.45 -6.18 -22.31
N LYS A 63 -5.29 -6.83 -22.38
CA LYS A 63 -5.24 -8.29 -22.55
C LYS A 63 -5.84 -9.00 -21.35
N PHE A 64 -5.55 -8.47 -20.15
CA PHE A 64 -6.13 -9.00 -18.91
C PHE A 64 -7.66 -8.93 -18.96
N LEU A 65 -8.21 -7.78 -19.35
CA LEU A 65 -9.64 -7.60 -19.39
C LEU A 65 -10.31 -8.48 -20.44
N ILE A 66 -9.70 -8.62 -21.60
CA ILE A 66 -10.27 -9.50 -22.63
C ILE A 66 -10.27 -10.97 -22.17
N ASP A 67 -9.27 -11.37 -21.38
CA ASP A 67 -9.25 -12.75 -20.83
C ASP A 67 -10.45 -13.00 -19.90
N GLN A 68 -10.98 -11.94 -19.29
CA GLN A 68 -12.12 -12.05 -18.39
C GLN A 68 -13.45 -12.13 -19.15
N GLU A 69 -13.38 -11.95 -20.46
CA GLU A 69 -14.57 -11.93 -21.34
C GLU A 69 -15.60 -10.92 -20.84
N VAL A 70 -15.12 -9.70 -20.62
CA VAL A 70 -16.05 -8.58 -20.46
C VAL A 70 -16.84 -8.36 -21.76
N LYS A 71 -18.05 -7.80 -21.63
CA LYS A 71 -18.87 -7.54 -22.82
C LYS A 71 -18.64 -6.18 -23.47
N ALA A 72 -18.01 -5.28 -22.71
CA ALA A 72 -17.69 -3.95 -23.17
C ALA A 72 -16.65 -3.37 -22.25
N ILE A 73 -15.89 -2.41 -22.76
CA ILE A 73 -14.86 -1.73 -22.01
C ILE A 73 -15.10 -0.22 -22.04
N ILE A 74 -14.98 0.41 -20.89
CA ILE A 74 -14.94 1.86 -20.82
C ILE A 74 -13.58 2.29 -20.29
N ILE A 75 -12.85 3.07 -21.10
CA ILE A 75 -11.56 3.58 -20.67
C ILE A 75 -11.85 4.83 -19.89
N ALA A 76 -11.71 4.71 -18.58
CA ALA A 76 -12.03 5.75 -17.65
C ALA A 76 -10.97 6.83 -17.54
N CYS A 77 -9.72 6.50 -17.94
CA CYS A 77 -8.57 7.38 -17.77
C CYS A 77 -8.33 8.18 -19.05
N ASN A 78 -8.22 9.49 -18.90
CA ASN A 78 -7.94 10.38 -20.03
C ASN A 78 -6.56 10.12 -20.62
N THR A 79 -5.62 9.78 -19.75
CA THR A 79 -4.24 9.55 -20.19
C THR A 79 -4.16 8.30 -21.11
N ILE A 80 -4.72 7.17 -20.69
CA ILE A 80 -4.78 5.99 -21.57
C ILE A 80 -5.58 6.29 -22.83
N SER A 81 -6.68 7.04 -22.67
CA SER A 81 -7.54 7.34 -23.80
C SER A 81 -6.78 8.18 -24.81
N ALA A 82 -5.98 9.12 -24.34
CA ALA A 82 -5.21 10.02 -25.24
C ALA A 82 -4.15 9.30 -26.05
N ILE A 83 -3.53 8.30 -25.42
CA ILE A 83 -2.27 7.75 -25.91
C ILE A 83 -2.40 6.33 -26.42
N ALA A 84 -3.32 5.54 -25.85
CA ALA A 84 -3.36 4.11 -26.13
C ALA A 84 -4.71 3.59 -26.58
N LYS A 85 -5.63 4.50 -26.95
CA LYS A 85 -6.93 4.07 -27.37
C LYS A 85 -6.86 3.10 -28.54
N ASP A 86 -5.99 3.36 -29.52
CA ASP A 86 -5.90 2.48 -30.67
C ASP A 86 -5.37 1.10 -30.29
N ILE A 87 -4.37 1.05 -29.43
CA ILE A 87 -3.85 -0.24 -28.97
C ILE A 87 -4.95 -1.03 -28.24
N VAL A 88 -5.70 -0.36 -27.37
CA VAL A 88 -6.76 -1.05 -26.63
C VAL A 88 -7.82 -1.60 -27.58
N GLN A 89 -8.20 -0.80 -28.56
CA GLN A 89 -9.17 -1.23 -29.53
C GLN A 89 -8.68 -2.42 -30.36
N GLU A 90 -7.38 -2.44 -30.71
CA GLU A 90 -6.79 -3.55 -31.50
C GLU A 90 -6.82 -4.86 -30.71
N ILE A 91 -6.62 -4.74 -29.39
CA ILE A 91 -6.64 -5.90 -28.50
C ILE A 91 -8.08 -6.33 -28.26
N ALA A 92 -8.99 -5.37 -28.08
CA ALA A 92 -10.38 -5.69 -27.75
C ALA A 92 -11.12 -6.34 -28.91
N LYS A 93 -10.69 -6.03 -30.13
CA LYS A 93 -11.25 -6.66 -31.33
C LYS A 93 -12.74 -6.34 -31.28
N ALA A 94 -13.63 -7.33 -31.25
CA ALA A 94 -15.07 -7.07 -31.42
C ALA A 94 -15.76 -6.58 -30.16
N ILE A 95 -15.01 -6.48 -29.06
CA ILE A 95 -15.53 -5.90 -27.84
C ILE A 95 -15.50 -4.37 -27.98
N PRO A 96 -16.67 -3.75 -27.88
CA PRO A 96 -16.75 -2.30 -27.97
C PRO A 96 -16.03 -1.55 -26.85
N VAL A 97 -15.43 -0.42 -27.21
CA VAL A 97 -14.65 0.40 -26.32
C VAL A 97 -15.23 1.80 -26.39
N ILE A 98 -15.60 2.31 -25.23
CA ILE A 98 -15.98 3.71 -25.05
C ILE A 98 -14.79 4.37 -24.34
N ASP A 99 -14.47 5.63 -24.64
CA ASP A 99 -13.43 6.33 -23.88
C ASP A 99 -13.86 7.72 -23.47
N VAL A 100 -13.24 8.24 -22.43
CA VAL A 100 -13.65 9.52 -21.83
C VAL A 100 -13.34 10.74 -22.71
N ILE A 101 -12.30 10.67 -23.55
CA ILE A 101 -12.00 11.82 -24.44
C ILE A 101 -13.08 12.00 -25.49
N THR A 102 -13.53 10.92 -26.11
CA THR A 102 -14.69 10.94 -27.04
C THR A 102 -15.90 11.54 -26.33
N ALA A 103 -16.09 11.17 -25.07
CA ALA A 103 -17.19 11.77 -24.29
C ALA A 103 -17.03 13.27 -24.09
N GLY A 104 -15.84 13.68 -23.70
CA GLY A 104 -15.54 15.10 -23.46
C GLY A 104 -15.71 15.94 -24.71
N VAL A 105 -15.20 15.42 -25.81
CA VAL A 105 -15.31 16.11 -27.11
C VAL A 105 -16.76 16.29 -27.54
N SER A 106 -17.59 15.28 -27.25
CA SER A 106 -19.01 15.32 -27.61
C SER A 106 -19.76 16.45 -26.92
N LEU A 107 -19.24 16.93 -25.79
CA LEU A 107 -19.92 17.94 -24.97
C LEU A 107 -19.57 19.38 -25.37
N VAL A 108 -18.64 19.56 -26.30
CA VAL A 108 -18.16 20.90 -26.68
C VAL A 108 -18.33 21.18 -28.15
N ASP A 109 -18.96 20.27 -28.88
CA ASP A 109 -18.87 20.39 -30.34
C ASP A 109 -19.79 21.48 -30.92
N ASN A 110 -20.56 22.14 -30.06
CA ASN A 110 -21.34 23.34 -30.43
C ASN A 110 -20.76 24.69 -29.93
N LEU A 111 -19.56 24.67 -29.36
CA LEU A 111 -18.89 25.88 -28.88
C LEU A 111 -17.87 26.40 -29.91
N ASN A 112 -17.34 27.59 -29.68
CA ASN A 112 -16.27 28.05 -30.57
C ASN A 112 -14.92 28.33 -29.87
N THR A 113 -14.88 28.42 -28.55
CA THR A 113 -13.61 28.57 -27.79
C THR A 113 -13.65 27.69 -26.53
N VAL A 114 -12.66 26.81 -26.37
CA VAL A 114 -12.66 25.81 -25.32
C VAL A 114 -11.29 25.69 -24.67
N GLY A 115 -11.27 25.47 -23.35
CA GLY A 115 -10.02 25.18 -22.66
C GLY A 115 -10.02 23.74 -22.23
N VAL A 116 -8.84 23.20 -22.06
CA VAL A 116 -8.68 21.80 -21.62
C VAL A 116 -7.50 21.80 -20.64
N ILE A 117 -7.72 21.20 -19.48
CA ILE A 117 -6.64 20.90 -18.51
C ILE A 117 -6.59 19.35 -18.40
N ALA A 118 -5.36 18.82 -18.27
CA ALA A 118 -5.16 17.39 -18.20
C ALA A 118 -3.76 17.12 -17.64
N THR A 119 -3.40 15.84 -17.54
CA THR A 119 -2.04 15.47 -17.17
C THR A 119 -1.01 15.94 -18.18
N PRO A 120 0.25 16.08 -17.75
CA PRO A 120 1.29 16.38 -18.74
C PRO A 120 1.29 15.45 -19.98
N ALA A 121 1.15 14.13 -19.81
CA ALA A 121 1.08 13.24 -20.92
C ALA A 121 -0.10 13.48 -21.85
N THR A 122 -1.27 13.72 -21.28
CA THR A 122 -2.48 13.94 -22.09
C THR A 122 -2.31 15.21 -22.89
N ILE A 123 -1.84 16.27 -22.24
CA ILE A 123 -1.66 17.56 -22.95
C ILE A 123 -0.56 17.43 -24.00
N ASN A 124 0.56 16.82 -23.62
CA ASN A 124 1.63 16.60 -24.60
C ASN A 124 1.19 15.87 -25.86
N SER A 125 0.30 14.89 -25.73
CA SER A 125 -0.20 14.11 -26.82
C SER A 125 -1.06 14.92 -27.81
N ASN A 126 -1.58 16.02 -27.30
CA ASN A 126 -2.50 16.92 -27.99
C ASN A 126 -3.80 16.26 -28.39
N ALA A 127 -4.14 15.11 -27.75
CA ALA A 127 -5.32 14.36 -28.15
C ALA A 127 -6.63 15.17 -28.12
N TYR A 128 -6.83 16.00 -27.11
CA TYR A 128 -8.10 16.73 -26.97
C TYR A 128 -8.25 17.74 -28.13
N ALA A 129 -7.20 18.50 -28.38
CA ALA A 129 -7.26 19.49 -29.48
C ALA A 129 -7.44 18.79 -30.80
N LEU A 130 -6.72 17.69 -31.00
CA LEU A 130 -6.83 16.98 -32.25
C LEU A 130 -8.23 16.43 -32.46
N GLN A 131 -8.81 15.82 -31.44
CA GLN A 131 -10.13 15.24 -31.56
C GLN A 131 -11.21 16.33 -31.69
N ILE A 132 -11.07 17.47 -31.04
CA ILE A 132 -12.00 18.60 -31.20
C ILE A 132 -11.89 19.21 -32.62
N HIS A 133 -10.66 19.51 -33.05
CA HIS A 133 -10.43 20.20 -34.32
C HIS A 133 -10.82 19.34 -35.50
N LYS A 134 -10.80 18.04 -35.28
CA LYS A 134 -11.28 17.12 -36.26
C LYS A 134 -12.75 17.33 -36.56
N LYS A 135 -13.57 17.48 -35.50
CA LYS A 135 -15.03 17.75 -35.63
C LYS A 135 -15.32 19.15 -36.19
N ASN A 136 -14.63 20.15 -35.66
CA ASN A 136 -14.72 21.50 -36.16
C ASN A 136 -13.41 22.25 -35.96
N PRO A 137 -12.66 22.47 -37.06
CA PRO A 137 -11.36 23.17 -37.06
C PRO A 137 -11.40 24.60 -36.58
N ASN A 138 -12.58 25.21 -36.66
CA ASN A 138 -12.75 26.59 -36.22
C ASN A 138 -12.83 26.77 -34.72
N ILE A 139 -13.08 25.70 -33.95
CA ILE A 139 -13.09 25.86 -32.51
C ILE A 139 -11.68 26.18 -32.03
N GLU A 140 -11.50 27.26 -31.28
CA GLU A 140 -10.18 27.56 -30.71
C GLU A 140 -10.04 26.70 -29.48
N VAL A 141 -8.95 25.92 -29.40
CA VAL A 141 -8.70 25.06 -28.24
C VAL A 141 -7.40 25.49 -27.55
N TYR A 142 -7.48 25.79 -26.26
CA TYR A 142 -6.31 26.18 -25.47
C TYR A 142 -6.09 25.10 -24.43
N SER A 143 -4.87 24.53 -24.42
CA SER A 143 -4.53 23.45 -23.51
C SER A 143 -3.41 23.82 -22.50
N ASN A 144 -3.50 23.33 -21.27
CA ASN A 144 -2.45 23.55 -20.25
C ASN A 144 -2.35 22.33 -19.33
N PRO A 145 -1.16 21.74 -19.20
CA PRO A 145 -1.03 20.65 -18.23
C PRO A 145 -1.07 21.14 -16.77
N CYS A 146 -1.52 20.27 -15.85
CA CYS A 146 -1.66 20.59 -14.42
C CYS A 146 -0.96 19.51 -13.60
N GLY A 147 0.35 19.38 -13.80
CA GLY A 147 1.09 18.22 -13.29
C GLY A 147 0.91 17.84 -11.85
N LEU A 148 0.89 18.81 -10.94
CA LEU A 148 0.79 18.49 -9.53
C LEU A 148 -0.60 18.04 -9.06
N PHE A 149 -1.65 18.33 -9.83
CA PHE A 149 -3.03 18.08 -9.35
C PHE A 149 -3.28 16.61 -8.89
N VAL A 150 -2.86 15.64 -9.69
CA VAL A 150 -3.13 14.22 -9.38
C VAL A 150 -2.59 13.85 -7.98
N SER A 151 -1.29 14.07 -7.73
N SER A 151 -1.30 14.08 -7.74
CA SER A 151 -0.71 13.74 -6.42
CA SER A 151 -0.72 13.71 -6.46
C SER A 151 -1.34 14.55 -5.29
C SER A 151 -1.29 14.55 -5.30
N ILE A 153 -4.26 15.78 -4.99
CA ILE A 153 -5.59 15.27 -4.70
C ILE A 153 -5.52 13.90 -4.00
N GLU A 154 -4.63 13.03 -4.48
CA GLU A 154 -4.48 11.70 -3.84
C GLU A 154 -3.91 11.83 -2.41
N GLU A 155 -3.24 12.92 -2.09
CA GLU A 155 -2.69 13.16 -0.76
C GLU A 155 -3.68 13.89 0.14
N GLY A 156 -4.85 14.18 -0.41
CA GLY A 156 -6.00 14.71 0.34
C GLY A 156 -6.04 16.22 0.43
N PHE A 157 -5.28 16.91 -0.41
CA PHE A 157 -5.40 18.38 -0.53
C PHE A 157 -6.46 18.65 -1.57
N VAL A 158 -7.70 18.85 -1.11
CA VAL A 158 -8.83 18.95 -2.03
C VAL A 158 -9.63 20.26 -1.86
N SER A 159 -9.24 21.10 -0.93
CA SER A 159 -9.81 22.44 -0.80
C SER A 159 -8.83 23.31 -0.04
N GLY A 160 -9.09 24.60 -0.03
CA GLY A 160 -8.31 25.48 0.82
C GLY A 160 -7.20 26.20 0.09
N HIS A 161 -6.36 26.89 0.86
CA HIS A 161 -5.41 27.83 0.30
C HIS A 161 -4.32 27.18 -0.58
N ILE A 162 -3.84 25.99 -0.21
CA ILE A 162 -2.87 25.30 -1.04
C ILE A 162 -3.44 24.96 -2.43
N VAL A 163 -4.63 24.37 -2.45
CA VAL A 163 -5.30 24.02 -3.69
C VAL A 163 -5.54 25.27 -4.58
N GLU A 164 -6.03 26.34 -3.96
CA GLU A 164 -6.24 27.59 -4.68
C GLU A 164 -4.96 28.15 -5.31
N LEU A 165 -3.85 28.11 -4.57
CA LEU A 165 -2.57 28.61 -5.10
C LEU A 165 -2.01 27.75 -6.25
N VAL A 166 -2.08 26.42 -6.11
CA VAL A 166 -1.61 25.57 -7.21
C VAL A 166 -2.50 25.77 -8.45
N ALA A 167 -3.81 25.82 -8.23
CA ALA A 167 -4.78 26.04 -9.29
C ALA A 167 -4.51 27.38 -9.99
N LYS A 168 -4.19 28.42 -9.23
CA LYS A 168 -3.89 29.75 -9.85
C LYS A 168 -2.68 29.67 -10.77
N GLU A 169 -1.67 28.92 -10.34
CA GLU A 169 -0.48 28.67 -11.15
C GLU A 169 -0.80 28.04 -12.53
N TYR A 170 -1.73 27.08 -12.57
CA TYR A 170 -2.05 26.40 -13.81
C TYR A 170 -3.19 27.04 -14.65
N LEU A 171 -4.09 27.74 -13.98
CA LEU A 171 -5.33 28.22 -14.63
C LEU A 171 -5.29 29.66 -15.04
N SER A 172 -4.33 30.43 -14.51
N SER A 172 -4.35 30.43 -14.51
CA SER A 172 -4.24 31.85 -14.88
CA SER A 172 -4.28 31.85 -14.87
C SER A 172 -4.06 32.01 -16.38
C SER A 172 -4.04 32.02 -16.38
N TYR A 173 -3.40 31.03 -16.99
CA TYR A 173 -3.29 30.92 -18.44
C TYR A 173 -4.59 31.16 -19.21
N PHE A 174 -5.72 30.79 -18.63
CA PHE A 174 -6.97 30.85 -19.34
C PHE A 174 -7.70 32.19 -19.25
N HIS A 175 -7.27 33.06 -18.35
CA HIS A 175 -7.99 34.33 -18.08
C HIS A 175 -8.19 35.20 -19.32
N ASP A 176 -7.22 35.20 -20.23
CA ASP A 176 -7.29 36.07 -21.42
C ASP A 176 -7.63 35.31 -22.69
N LYS A 177 -8.15 34.09 -22.57
CA LYS A 177 -8.42 33.25 -23.71
C LYS A 177 -9.90 33.22 -24.17
N ASN A 178 -10.78 33.86 -23.41
CA ASN A 178 -12.21 33.96 -23.74
C ASN A 178 -12.85 32.58 -24.00
N ILE A 179 -12.53 31.62 -23.15
CA ILE A 179 -13.11 30.29 -23.34
C ILE A 179 -14.55 30.26 -22.84
N GLN A 180 -15.35 29.45 -23.49
CA GLN A 180 -16.75 29.26 -23.12
C GLN A 180 -16.92 28.06 -22.18
N ALA A 181 -15.92 27.17 -22.15
CA ALA A 181 -15.97 26.05 -21.20
C ALA A 181 -14.59 25.51 -20.99
N LEU A 182 -14.35 24.88 -19.84
CA LEU A 182 -13.08 24.19 -19.54
C LEU A 182 -13.39 22.69 -19.36
N ILE A 183 -12.75 21.84 -20.16
CA ILE A 183 -12.83 20.38 -20.02
C ILE A 183 -11.85 19.97 -18.90
N LEU A 184 -12.42 19.30 -17.90
CA LEU A 184 -11.68 18.70 -16.80
C LEU A 184 -11.21 17.35 -17.34
N GLY A 185 -10.11 17.38 -18.09
CA GLY A 185 -9.60 16.25 -18.84
C GLY A 185 -8.68 15.29 -18.08
N CYS A 186 -9.01 15.10 -16.82
CA CYS A 186 -8.37 14.12 -15.93
C CYS A 186 -9.40 13.72 -14.89
N THR A 187 -9.49 12.41 -14.60
CA THR A 187 -10.47 11.90 -13.64
C THR A 187 -10.46 12.61 -12.30
N HIS A 188 -9.30 13.07 -11.86
CA HIS A 188 -9.12 13.64 -10.53
C HIS A 188 -9.69 15.05 -10.39
N TYR A 189 -9.78 15.79 -11.49
CA TYR A 189 -9.96 17.23 -11.38
C TYR A 189 -11.35 17.64 -10.89
N PRO A 190 -12.42 16.87 -11.21
CA PRO A 190 -13.74 17.19 -10.63
C PRO A 190 -13.79 17.25 -9.11
N ILE A 191 -12.90 16.55 -8.40
CA ILE A 191 -12.82 16.65 -6.94
C ILE A 191 -12.59 18.07 -6.45
N ILE A 192 -11.84 18.86 -7.23
CA ILE A 192 -11.49 20.22 -6.84
C ILE A 192 -12.22 21.26 -7.67
N LYS A 193 -13.35 20.88 -8.26
CA LYS A 193 -14.08 21.80 -9.16
C LYS A 193 -14.46 23.11 -8.46
N GLU A 194 -14.71 23.08 -7.16
CA GLU A 194 -15.06 24.30 -6.39
C GLU A 194 -13.90 25.30 -6.39
N SER A 195 -12.67 24.82 -6.25
CA SER A 195 -11.50 25.71 -6.33
C SER A 195 -11.24 26.18 -7.76
N ILE A 196 -11.47 25.32 -8.74
CA ILE A 196 -11.29 25.67 -10.14
C ILE A 196 -12.28 26.79 -10.49
N ALA A 197 -13.53 26.61 -10.08
CA ALA A 197 -14.62 27.58 -10.36
C ALA A 197 -14.26 28.94 -9.84
N LYS A 198 -13.75 28.97 -8.62
CA LYS A 198 -13.29 30.18 -7.95
C LYS A 198 -12.36 31.01 -8.84
N ILE A 199 -11.41 30.35 -9.48
CA ILE A 199 -10.35 31.03 -10.25
C ILE A 199 -10.82 31.37 -11.66
N LEU A 200 -11.60 30.47 -12.24
CA LEU A 200 -12.03 30.55 -13.63
C LEU A 200 -13.55 30.40 -13.69
N ASP A 201 -14.25 31.51 -13.93
CA ASP A 201 -15.70 31.54 -13.93
C ASP A 201 -16.26 31.12 -15.30
N VAL A 202 -16.12 29.85 -15.61
CA VAL A 202 -16.60 29.29 -16.88
C VAL A 202 -17.23 27.94 -16.58
N LYS A 203 -18.06 27.49 -17.51
CA LYS A 203 -18.67 26.17 -17.47
C LYS A 203 -17.54 25.12 -17.41
N LEU A 204 -17.65 24.20 -16.45
CA LEU A 204 -16.64 23.12 -16.28
C LEU A 204 -17.25 21.85 -16.83
N ILE A 205 -16.59 21.21 -17.79
CA ILE A 205 -17.10 20.00 -18.44
C ILE A 205 -16.39 18.77 -17.83
N ASP A 206 -17.19 17.88 -17.23
CA ASP A 206 -16.68 16.65 -16.61
C ASP A 206 -17.20 15.54 -17.48
N PRO A 207 -16.31 14.87 -18.26
CA PRO A 207 -16.81 13.88 -19.19
C PRO A 207 -17.19 12.51 -18.61
N SER A 208 -16.99 12.32 -17.30
N SER A 208 -17.00 12.30 -17.31
CA SER A 208 -17.29 11.04 -16.65
CA SER A 208 -17.26 10.98 -16.74
C SER A 208 -18.69 10.52 -16.92
C SER A 208 -18.71 10.48 -16.88
N LEU A 209 -19.72 11.31 -16.58
CA LEU A 209 -21.11 10.81 -16.72
C LEU A 209 -21.48 10.56 -18.20
N GLN A 210 -21.08 11.47 -19.06
CA GLN A 210 -21.35 11.31 -20.48
C GLN A 210 -20.70 10.02 -21.01
N ALA A 211 -19.48 9.71 -20.58
CA ALA A 211 -18.88 8.43 -21.00
C ALA A 211 -19.73 7.25 -20.53
N SER A 212 -20.18 7.32 -19.28
CA SER A 212 -21.03 6.24 -18.72
C SER A 212 -22.35 6.12 -19.48
N LYS A 213 -22.95 7.26 -19.84
CA LYS A 213 -24.16 7.31 -20.69
C LYS A 213 -23.95 6.77 -22.10
N LEU A 215 -21.79 4.47 -22.79
CA LEU A 215 -21.73 3.01 -22.60
C LEU A 215 -23.14 2.40 -22.49
N TYR A 216 -24.02 3.05 -21.71
CA TYR A 216 -25.40 2.62 -21.66
C TYR A 216 -25.98 2.53 -23.08
N SER A 217 -25.84 3.61 -23.83
CA SER A 217 -26.34 3.59 -25.22
C SER A 217 -25.79 2.46 -26.04
N LEU A 218 -24.49 2.20 -25.91
CA LEU A 218 -23.88 1.12 -26.65
C LEU A 218 -24.45 -0.27 -26.27
N LEU A 219 -24.61 -0.50 -24.98
CA LEU A 219 -25.20 -1.75 -24.51
C LEU A 219 -26.64 -1.87 -25.00
N PHE A 220 -27.40 -0.77 -24.95
CA PHE A 220 -28.77 -0.82 -25.44
C PHE A 220 -28.81 -1.14 -26.95
N GLU A 221 -28.01 -0.45 -27.74
CA GLU A 221 -28.02 -0.61 -29.20
C GLU A 221 -27.58 -2.00 -29.65
N ASN A 222 -26.59 -2.55 -28.96
CA ASN A 222 -26.08 -3.88 -29.24
C ASN A 222 -26.80 -5.00 -28.52
N LYS A 223 -27.89 -4.68 -27.81
CA LYS A 223 -28.67 -5.70 -27.12
C LYS A 223 -27.85 -6.45 -26.08
N LEU A 224 -27.12 -5.72 -25.24
CA LEU A 224 -26.18 -6.30 -24.27
C LEU A 224 -26.53 -5.96 -22.81
N LEU A 225 -27.73 -5.41 -22.58
CA LEU A 225 -28.11 -5.06 -21.22
C LEU A 225 -28.42 -6.30 -20.36
N ASN A 226 -27.89 -6.33 -19.14
CA ASN A 226 -28.19 -7.40 -18.16
C ASN A 226 -29.64 -7.18 -17.68
N THR A 227 -30.48 -8.19 -17.80
CA THR A 227 -31.88 -8.02 -17.41
C THR A 227 -32.14 -8.42 -15.96
N THR A 228 -31.18 -9.08 -15.32
CA THR A 228 -31.36 -9.59 -13.93
C THR A 228 -31.77 -8.50 -12.93
N LYS A 229 -32.47 -8.92 -11.89
CA LYS A 229 -32.85 -8.04 -10.80
C LYS A 229 -32.45 -8.62 -9.43
N ASN A 231 -28.91 -8.68 -7.09
CA ASN A 231 -27.76 -8.03 -6.52
C ASN A 231 -26.50 -8.20 -7.41
N PRO A 232 -26.04 -7.09 -8.03
CA PRO A 232 -24.90 -7.19 -8.92
C PRO A 232 -23.58 -7.40 -8.15
N GLU A 233 -22.60 -7.94 -8.85
CA GLU A 233 -21.31 -8.11 -8.26
C GLU A 233 -20.28 -7.14 -8.81
N TYR A 234 -19.54 -6.55 -7.88
CA TYR A 234 -18.53 -5.52 -8.19
C TYR A 234 -17.17 -6.10 -7.77
N ARG A 235 -16.28 -6.35 -8.72
CA ARG A 235 -14.91 -6.81 -8.49
C ARG A 235 -13.90 -5.73 -8.82
N PHE A 236 -12.96 -5.53 -7.91
CA PHE A 236 -11.91 -4.52 -8.05
C PHE A 236 -10.58 -5.24 -8.10
N TYR A 237 -10.07 -5.34 -9.31
CA TYR A 237 -8.79 -5.99 -9.55
C TYR A 237 -7.69 -4.95 -9.64
N VAL A 238 -6.68 -5.07 -8.77
CA VAL A 238 -5.62 -4.11 -8.72
C VAL A 238 -4.22 -4.74 -8.64
N THR A 239 -3.21 -4.07 -9.20
CA THR A 239 -1.83 -4.56 -9.16
C THR A 239 -1.05 -4.15 -7.89
N ASP A 240 -1.62 -3.32 -7.04
CA ASP A 240 -1.05 -3.09 -5.70
C ASP A 240 -2.16 -2.66 -4.75
N ILE A 241 -1.93 -2.85 -3.47
CA ILE A 241 -2.80 -2.36 -2.40
C ILE A 241 -1.94 -1.76 -1.26
N PRO A 242 -1.58 -0.48 -1.40
CA PRO A 242 -0.99 0.21 -0.28
C PRO A 242 -2.03 0.69 0.72
N LEU A 243 -1.54 1.00 1.92
CA LEU A 243 -2.37 1.36 3.06
C LEU A 243 -3.40 2.42 2.71
N LYS A 244 -2.99 3.43 1.95
CA LYS A 244 -3.93 4.48 1.66
C LYS A 244 -4.95 4.20 0.53
N PHE A 245 -4.82 3.07 -0.12
CA PHE A 245 -5.62 2.80 -1.30
C PHE A 245 -7.15 2.81 -1.05
N ARG A 246 -7.63 2.09 -0.06
CA ARG A 246 -9.07 2.05 0.16
C ARG A 246 -9.67 3.42 0.46
N SER A 247 -9.01 4.20 1.29
N SER A 247 -9.00 4.20 1.28
CA SER A 247 -9.48 5.53 1.64
CA SER A 247 -9.52 5.51 1.66
C SER A 247 -9.58 6.43 0.42
C SER A 247 -9.57 6.47 0.46
N VAL A 248 -8.50 6.49 -0.34
CA VAL A 248 -8.46 7.38 -1.51
C VAL A 248 -9.39 6.89 -2.59
N GLY A 249 -9.38 5.58 -2.85
CA GLY A 249 -10.27 5.01 -3.86
C GLY A 249 -11.73 5.20 -3.54
N GLU A 250 -12.05 5.02 -2.26
CA GLU A 250 -13.46 5.06 -1.84
C GLU A 250 -13.97 6.48 -1.81
N PHE A 252 -13.37 8.41 -4.39
CA PHE A 252 -13.89 8.54 -5.71
C PHE A 252 -15.11 7.69 -5.93
N LEU A 253 -15.12 6.50 -5.33
CA LEU A 253 -16.21 5.54 -5.57
C LEU A 253 -17.50 5.94 -4.86
N GLN A 254 -17.34 6.58 -3.69
CA GLN A 254 -18.45 7.05 -2.82
C GLN A 254 -19.21 5.90 -2.21
N THR A 255 -18.64 4.70 -2.24
CA THR A 255 -19.13 3.60 -1.46
C THR A 255 -17.93 2.66 -1.20
N GLU A 256 -18.13 1.65 -0.38
CA GLU A 256 -17.06 0.72 -0.08
C GLU A 256 -16.89 -0.30 -1.20
N GLN A 258 -16.72 -3.72 -2.72
CA GLN A 258 -17.33 -4.99 -2.28
C GLN A 258 -16.30 -6.13 -2.20
N HIS A 259 -15.52 -6.30 -3.24
CA HIS A 259 -14.62 -7.45 -3.40
C HIS A 259 -13.35 -6.93 -4.08
N LEU A 260 -12.21 -7.08 -3.41
CA LEU A 260 -10.95 -6.55 -3.88
C LEU A 260 -9.94 -7.71 -3.99
N GLU A 261 -9.16 -7.75 -5.07
CA GLU A 261 -8.15 -8.80 -5.27
C GLU A 261 -6.90 -8.24 -5.90
N ILE A 262 -5.77 -8.65 -5.34
CA ILE A 262 -4.45 -8.36 -5.92
C ILE A 262 -4.13 -9.33 -7.06
N VAL A 263 -3.85 -8.71 -8.21
CA VAL A 263 -3.52 -9.44 -9.42
C VAL A 263 -2.19 -8.96 -9.99
N SER A 264 -1.70 -9.73 -10.98
CA SER A 264 -0.42 -9.42 -11.65
C SER A 264 -0.57 -9.34 -13.17
N LEU A 265 0.18 -8.42 -13.76
CA LEU A 265 0.26 -8.31 -15.20
C LEU A 265 1.54 -8.94 -15.75
N ASP A 266 2.29 -9.67 -14.92
CA ASP A 266 3.58 -10.22 -15.34
C ASP A 266 3.44 -11.09 -16.61
N SER A 267 2.32 -11.80 -16.77
CA SER A 267 2.12 -12.70 -17.93
C SER A 267 1.44 -12.04 -19.12
N TYR A 268 1.24 -10.73 -19.03
CA TYR A 268 0.45 -10.02 -20.06
C TYR A 268 1.32 -9.05 -20.85
N LEU B 5 6.90 4.34 25.02
CA LEU B 5 6.21 3.00 24.87
C LEU B 5 4.69 3.15 24.84
N ASP B 6 4.17 4.08 25.64
CA ASP B 6 2.72 4.31 25.76
C ASP B 6 1.97 4.45 24.45
N ASN B 7 2.58 5.14 23.49
CA ASN B 7 1.89 5.51 22.26
C ASN B 7 2.23 4.58 21.08
N ARG B 8 2.82 3.44 21.38
N ARG B 8 2.83 3.44 21.39
CA ARG B 8 3.05 2.40 20.40
CA ARG B 8 3.05 2.39 20.41
C ARG B 8 1.77 1.59 20.21
C ARG B 8 1.73 1.65 20.17
N PRO B 9 1.62 0.95 19.03
CA PRO B 9 0.41 0.16 18.74
C PRO B 9 0.41 -1.19 19.45
N ILE B 10 -0.79 -1.75 19.59
CA ILE B 10 -1.01 -3.14 20.01
C ILE B 10 -0.96 -4.00 18.74
N GLY B 11 -0.26 -5.13 18.82
CA GLY B 11 -0.20 -6.08 17.73
C GLY B 11 -1.22 -7.19 17.95
N VAL B 12 -2.09 -7.39 16.97
CA VAL B 12 -2.99 -8.49 16.98
C VAL B 12 -2.48 -9.52 15.94
N PHE B 13 -2.06 -10.67 16.48
CA PHE B 13 -1.32 -11.72 15.77
C PHE B 13 -2.25 -12.88 15.40
N ASP B 14 -2.55 -13.03 14.10
CA ASP B 14 -3.50 -14.03 13.65
C ASP B 14 -2.82 -14.93 12.64
N SER B 15 -3.42 -16.08 12.44
CA SER B 15 -3.16 -16.89 11.25
C SER B 15 -3.89 -16.20 10.07
N GLY B 16 -5.19 -16.01 10.22
CA GLY B 16 -5.92 -15.15 9.30
C GLY B 16 -7.42 -15.20 9.51
N ILE B 17 -8.04 -14.04 9.22
CA ILE B 17 -9.50 -13.89 9.14
C ILE B 17 -10.31 -13.93 10.46
N GLY B 18 -10.19 -14.99 11.24
CA GLY B 18 -11.00 -15.06 12.49
C GLY B 18 -10.52 -14.20 13.64
N GLY B 19 -9.24 -13.90 13.66
CA GLY B 19 -8.65 -13.02 14.69
C GLY B 19 -9.12 -11.58 14.63
N LEU B 20 -9.83 -11.20 13.57
CA LEU B 20 -10.36 -9.84 13.42
C LEU B 20 -11.38 -9.55 14.55
N THR B 21 -11.98 -10.58 15.11
N THR B 21 -11.98 -10.59 15.12
CA THR B 21 -12.86 -10.36 16.26
CA THR B 21 -12.86 -10.42 16.28
C THR B 21 -12.14 -9.71 17.44
C THR B 21 -12.15 -9.75 17.46
N ILE B 22 -10.86 -10.03 17.65
CA ILE B 22 -10.06 -9.42 18.74
C ILE B 22 -9.91 -7.93 18.49
N VAL B 23 -9.76 -7.54 17.22
CA VAL B 23 -9.68 -6.13 16.88
C VAL B 23 -10.99 -5.41 17.31
N LYS B 24 -12.11 -6.01 16.96
CA LYS B 24 -13.44 -5.54 17.34
C LYS B 24 -13.52 -5.38 18.88
N ASN B 25 -13.07 -6.40 19.59
CA ASN B 25 -13.17 -6.41 21.03
C ASN B 25 -12.32 -5.28 21.61
N LEU B 26 -11.12 -5.14 21.09
CA LEU B 26 -10.20 -4.11 21.56
C LEU B 26 -10.77 -2.73 21.32
N SER B 28 -13.66 -1.88 21.44
CA SER B 28 -14.77 -1.64 22.36
C SER B 28 -14.35 -1.33 23.78
N ILE B 29 -13.12 -1.72 24.16
CA ILE B 29 -12.63 -1.48 25.54
C ILE B 29 -11.45 -0.52 25.61
N LEU B 30 -10.78 -0.31 24.47
CA LEU B 30 -9.58 0.52 24.36
C LEU B 30 -9.68 1.38 23.11
N PRO B 31 -10.67 2.28 23.06
CA PRO B 31 -10.95 2.99 21.83
C PRO B 31 -9.90 4.01 21.39
N ASN B 32 -8.94 4.33 22.26
CA ASN B 32 -7.89 5.31 21.92
C ASN B 32 -6.61 4.65 21.47
N GLU B 33 -6.54 3.32 21.48
CA GLU B 33 -5.29 2.60 21.12
C GLU B 33 -5.13 2.39 19.61
N ASP B 34 -3.89 2.55 19.12
CA ASP B 34 -3.56 2.14 17.75
C ASP B 34 -3.42 0.61 17.73
N ILE B 35 -3.85 -0.02 16.64
CA ILE B 35 -3.79 -1.48 16.49
C ILE B 35 -3.21 -1.81 15.12
N ILE B 36 -2.29 -2.78 15.12
CA ILE B 36 -1.80 -3.40 13.90
C ILE B 36 -2.30 -4.84 13.94
N TYR B 37 -3.16 -5.19 12.99
CA TYR B 37 -3.58 -6.55 12.77
C TYR B 37 -2.66 -7.20 11.71
N PHE B 38 -2.19 -8.41 11.99
CA PHE B 38 -1.45 -9.19 11.00
C PHE B 38 -2.18 -10.47 10.67
N GLY B 39 -2.45 -10.69 9.41
CA GLY B 39 -2.99 -11.97 8.98
C GLY B 39 -2.17 -12.54 7.84
N ASP B 40 -1.72 -13.77 8.00
CA ASP B 40 -0.94 -14.50 6.98
C ASP B 40 -1.90 -15.17 6.00
N ILE B 41 -2.69 -14.34 5.33
CA ILE B 41 -3.73 -14.80 4.38
C ILE B 41 -3.18 -15.69 3.24
N ALA B 42 -1.93 -15.48 2.85
CA ALA B 42 -1.30 -16.28 1.79
C ALA B 42 -1.20 -17.75 2.13
N ARG B 43 -1.09 -18.09 3.43
CA ARG B 43 -0.75 -19.48 3.83
C ARG B 43 -1.76 -20.13 4.75
N ILE B 44 -2.86 -19.44 5.07
CA ILE B 44 -3.98 -20.07 5.78
C ILE B 44 -4.59 -21.22 4.93
N PRO B 45 -5.16 -22.22 5.60
CA PRO B 45 -5.31 -22.35 7.05
C PRO B 45 -4.05 -22.87 7.72
N TYR B 46 -3.86 -22.51 8.98
CA TYR B 46 -2.85 -23.15 9.80
C TYR B 46 -3.37 -24.40 10.50
N GLY B 47 -4.69 -24.52 10.62
CA GLY B 47 -5.30 -25.57 11.43
C GLY B 47 -5.03 -27.00 10.96
N THR B 48 -4.62 -27.14 9.71
CA THR B 48 -4.35 -28.43 9.08
C THR B 48 -2.87 -28.62 8.73
N LYS B 49 -1.98 -27.76 9.24
CA LYS B 49 -0.54 -27.82 8.95
C LYS B 49 0.19 -28.49 10.12
N SER B 50 1.44 -28.85 9.92
CA SER B 50 2.28 -29.49 10.93
C SER B 50 2.74 -28.52 12.01
N ARG B 51 3.13 -29.08 13.14
CA ARG B 51 3.72 -28.24 14.19
C ARG B 51 4.96 -27.49 13.72
N ALA B 52 5.84 -28.16 12.96
CA ALA B 52 7.11 -27.54 12.52
C ALA B 52 6.81 -26.35 11.62
N THR B 53 5.83 -26.50 10.74
CA THR B 53 5.51 -25.43 9.82
C THR B 53 4.78 -24.26 10.49
N ILE B 54 3.89 -24.57 11.42
CA ILE B 54 3.21 -23.52 12.17
C ILE B 54 4.23 -22.70 12.95
N GLN B 55 5.21 -23.36 13.57
CA GLN B 55 6.26 -22.62 14.27
C GLN B 55 7.10 -21.74 13.34
N LYS B 56 7.47 -22.25 12.17
CA LYS B 56 8.22 -21.50 11.17
C LYS B 56 7.46 -20.23 10.79
N PHE B 57 6.16 -20.38 10.47
CA PHE B 57 5.34 -19.25 10.04
C PHE B 57 5.21 -18.23 11.16
N ALA B 58 4.95 -18.71 12.39
CA ALA B 58 4.75 -17.79 13.52
C ALA B 58 6.01 -16.99 13.86
N ALA B 59 7.18 -17.60 13.70
CA ALA B 59 8.42 -16.85 13.95
C ALA B 59 8.54 -15.66 12.98
N GLN B 60 8.11 -15.82 11.73
CA GLN B 60 8.18 -14.75 10.77
C GLN B 60 7.25 -13.60 11.15
N THR B 61 5.99 -13.91 11.48
CA THR B 61 5.01 -12.88 11.85
C THR B 61 5.49 -12.17 13.13
N ALA B 62 6.01 -12.90 14.08
CA ALA B 62 6.53 -12.31 15.30
C ALA B 62 7.59 -11.29 15.03
N LYS B 63 8.54 -11.65 14.15
CA LYS B 63 9.61 -10.72 13.81
C LYS B 63 9.05 -9.48 13.12
N PHE B 64 8.08 -9.66 12.21
CA PHE B 64 7.48 -8.52 11.55
C PHE B 64 6.86 -7.60 12.58
N LEU B 65 6.13 -8.12 13.54
CA LEU B 65 5.45 -7.23 14.50
C LEU B 65 6.42 -6.51 15.41
N ILE B 66 7.47 -7.21 15.83
CA ILE B 66 8.49 -6.62 16.71
C ILE B 66 9.24 -5.49 15.98
N ASP B 67 9.45 -5.62 14.68
CA ASP B 67 10.02 -4.55 13.87
C ASP B 67 9.14 -3.32 13.77
N GLN B 68 7.84 -3.48 14.02
CA GLN B 68 6.91 -2.32 14.06
C GLN B 68 6.83 -1.67 15.44
N GLU B 69 7.58 -2.22 16.39
CA GLU B 69 7.69 -1.69 17.76
C GLU B 69 6.32 -1.61 18.43
N VAL B 70 5.57 -2.73 18.35
CA VAL B 70 4.33 -2.86 19.15
C VAL B 70 4.68 -2.83 20.64
N LYS B 71 3.76 -2.36 21.49
CA LYS B 71 3.99 -2.42 22.96
C LYS B 71 3.52 -3.70 23.64
N ALA B 72 2.69 -4.46 22.92
CA ALA B 72 2.13 -5.71 23.41
C ALA B 72 1.61 -6.49 22.20
N ILE B 73 1.58 -7.79 22.35
CA ILE B 73 1.03 -8.71 21.36
C ILE B 73 -0.09 -9.51 21.99
N ILE B 74 -1.21 -9.66 21.26
CA ILE B 74 -2.20 -10.65 21.59
C ILE B 74 -2.25 -11.66 20.45
N ILE B 75 -2.05 -12.93 20.78
CA ILE B 75 -2.21 -14.01 19.77
C ILE B 75 -3.68 -14.41 19.74
N ALA B 76 -4.34 -13.98 18.67
CA ALA B 76 -5.80 -14.16 18.47
C ALA B 76 -6.19 -15.58 18.07
N CYS B 77 -5.21 -16.28 17.49
CA CYS B 77 -5.38 -17.59 16.87
C CYS B 77 -5.09 -18.68 17.89
N ASN B 78 -6.04 -19.60 18.08
CA ASN B 78 -5.84 -20.72 18.97
C ASN B 78 -4.77 -21.69 18.51
N THR B 79 -4.63 -21.83 17.19
CA THR B 79 -3.69 -22.78 16.60
C THR B 79 -2.26 -22.27 16.84
N ILE B 80 -2.00 -20.99 16.57
CA ILE B 80 -0.68 -20.40 16.91
C ILE B 80 -0.44 -20.44 18.42
N SER B 81 -1.45 -20.10 19.21
CA SER B 81 -1.29 -20.16 20.69
C SER B 81 -0.93 -21.56 21.19
N ALA B 82 -1.56 -22.56 20.63
CA ALA B 82 -1.33 -23.94 21.02
C ALA B 82 0.09 -24.44 20.76
N ILE B 83 0.63 -24.00 19.64
CA ILE B 83 1.83 -24.62 19.06
C ILE B 83 3.06 -23.74 19.08
N ALA B 84 2.88 -22.42 19.02
CA ALA B 84 3.99 -21.47 18.84
C ALA B 84 4.06 -20.36 19.84
N LYS B 85 3.34 -20.47 20.97
CA LYS B 85 3.37 -19.39 21.94
C LYS B 85 4.78 -19.11 22.41
N ASP B 86 5.56 -20.16 22.72
CA ASP B 86 6.90 -19.95 23.25
C ASP B 86 7.84 -19.35 22.21
N ILE B 87 7.73 -19.79 20.95
CA ILE B 87 8.48 -19.22 19.82
C ILE B 87 8.22 -17.71 19.76
N VAL B 88 6.94 -17.33 19.89
CA VAL B 88 6.57 -15.89 19.80
C VAL B 88 7.08 -15.10 21.01
N GLN B 89 6.88 -15.64 22.20
N GLN B 89 6.92 -15.61 22.22
CA GLN B 89 7.39 -15.05 23.44
CA GLN B 89 7.43 -14.91 23.40
C GLN B 89 8.92 -14.82 23.40
C GLN B 89 8.96 -14.77 23.38
N GLU B 90 9.66 -15.78 22.84
CA GLU B 90 11.11 -15.71 22.79
C GLU B 90 11.57 -14.57 21.89
N ILE B 91 10.90 -14.42 20.76
CA ILE B 91 11.14 -13.29 19.86
C ILE B 91 10.72 -11.95 20.46
N ALA B 92 9.58 -11.91 21.14
CA ALA B 92 9.07 -10.67 21.68
C ALA B 92 9.95 -10.12 22.81
N LYS B 93 10.69 -11.00 23.49
CA LYS B 93 11.59 -10.66 24.61
C LYS B 93 10.78 -9.91 25.65
N ALA B 94 11.06 -8.63 25.89
CA ALA B 94 10.39 -7.89 26.98
C ALA B 94 8.98 -7.41 26.64
N ILE B 95 8.56 -7.59 25.40
CA ILE B 95 7.19 -7.24 24.99
C ILE B 95 6.22 -8.33 25.46
N PRO B 96 5.17 -7.95 26.20
CA PRO B 96 4.27 -8.97 26.70
C PRO B 96 3.40 -9.58 25.61
N VAL B 97 3.12 -10.87 25.77
CA VAL B 97 2.29 -11.64 24.87
C VAL B 97 1.14 -12.26 25.65
N ILE B 98 -0.08 -11.94 25.24
CA ILE B 98 -1.30 -12.49 25.77
C ILE B 98 -1.81 -13.48 24.72
N ASP B 99 -2.39 -14.59 25.13
CA ASP B 99 -2.88 -15.60 24.13
C ASP B 99 -4.27 -16.09 24.47
N VAL B 100 -5.02 -16.49 23.45
CA VAL B 100 -6.43 -16.88 23.64
C VAL B 100 -6.61 -18.19 24.39
N ILE B 101 -5.65 -19.11 24.38
CA ILE B 101 -5.80 -20.34 25.14
C ILE B 101 -5.71 -20.03 26.63
N THR B 102 -4.77 -19.18 27.03
CA THR B 102 -4.73 -18.72 28.45
C THR B 102 -6.05 -18.11 28.86
N ALA B 103 -6.64 -17.32 28.00
CA ALA B 103 -7.97 -16.74 28.24
C ALA B 103 -9.04 -17.81 28.42
N GLY B 104 -9.09 -18.77 27.49
CA GLY B 104 -10.08 -19.86 27.61
C GLY B 104 -9.94 -20.64 28.91
N VAL B 105 -8.70 -20.98 29.26
CA VAL B 105 -8.45 -21.78 30.45
C VAL B 105 -8.98 -21.04 31.66
N SER B 106 -8.75 -19.72 31.68
CA SER B 106 -9.17 -18.89 32.82
C SER B 106 -10.70 -18.92 33.03
N LEU B 107 -11.45 -19.27 32.00
CA LEU B 107 -12.90 -19.31 32.08
C LEU B 107 -13.51 -20.65 32.48
N VAL B 108 -12.70 -21.71 32.65
CA VAL B 108 -13.19 -23.05 32.91
C VAL B 108 -12.49 -23.76 34.07
N ASP B 109 -11.52 -23.10 34.69
CA ASP B 109 -10.61 -23.85 35.58
C ASP B 109 -11.21 -24.12 36.97
N ASN B 110 -12.47 -23.70 37.19
CA ASN B 110 -13.26 -24.17 38.35
C ASN B 110 -14.33 -25.22 38.05
N LEU B 111 -14.37 -25.74 36.82
CA LEU B 111 -15.30 -26.77 36.47
C LEU B 111 -14.70 -28.13 36.73
N ASN B 112 -15.52 -29.16 36.71
CA ASN B 112 -15.10 -30.54 36.87
C ASN B 112 -14.91 -31.29 35.54
N THR B 113 -15.73 -30.93 34.55
CA THR B 113 -15.77 -31.64 33.27
C THR B 113 -15.96 -30.62 32.13
N VAL B 114 -14.97 -30.57 31.22
CA VAL B 114 -14.92 -29.52 30.16
C VAL B 114 -14.73 -30.21 28.81
N GLY B 115 -15.47 -29.72 27.81
CA GLY B 115 -15.23 -30.10 26.44
C GLY B 115 -14.50 -29.00 25.69
N VAL B 116 -13.73 -29.41 24.70
CA VAL B 116 -13.01 -28.48 23.79
C VAL B 116 -13.18 -28.93 22.34
N ILE B 117 -13.49 -27.97 21.48
CA ILE B 117 -13.45 -28.18 20.02
C ILE B 117 -12.49 -27.17 19.45
N ALA B 118 -11.77 -27.58 18.42
CA ALA B 118 -10.76 -26.72 17.81
C ALA B 118 -10.28 -27.34 16.52
N THR B 119 -9.33 -26.66 15.87
CA THR B 119 -8.74 -27.22 14.66
C THR B 119 -7.99 -28.52 14.95
N PRO B 120 -7.80 -29.33 13.90
CA PRO B 120 -6.99 -30.54 14.10
C PRO B 120 -5.62 -30.26 14.72
N ALA B 121 -4.91 -29.22 14.26
CA ALA B 121 -3.60 -28.87 14.85
C ALA B 121 -3.72 -28.56 16.33
N THR B 122 -4.73 -27.78 16.72
CA THR B 122 -4.88 -27.42 18.11
C THR B 122 -5.14 -28.64 18.95
N ILE B 123 -6.09 -29.48 18.53
CA ILE B 123 -6.49 -30.62 19.37
C ILE B 123 -5.32 -31.61 19.42
N ASN B 124 -4.69 -31.89 18.27
CA ASN B 124 -3.57 -32.83 18.23
C ASN B 124 -2.36 -32.35 19.02
N SER B 125 -2.21 -31.04 19.20
CA SER B 125 -1.14 -30.49 20.00
C SER B 125 -1.34 -30.76 21.50
N ASN B 126 -2.58 -31.07 21.85
CA ASN B 126 -3.00 -31.26 23.26
C ASN B 126 -2.91 -30.03 24.15
N ALA B 127 -2.77 -28.84 23.56
CA ALA B 127 -2.50 -27.66 24.35
C ALA B 127 -3.63 -27.34 25.36
N TYR B 128 -4.89 -27.46 24.96
CA TYR B 128 -5.97 -27.04 25.88
C TYR B 128 -6.02 -27.98 27.07
N ALA B 129 -5.98 -29.28 26.83
CA ALA B 129 -5.98 -30.23 27.97
C ALA B 129 -4.78 -30.01 28.88
N LEU B 130 -3.60 -29.84 28.29
CA LEU B 130 -2.39 -29.60 29.07
C LEU B 130 -2.49 -28.35 29.94
N GLN B 131 -2.96 -27.26 29.36
CA GLN B 131 -3.02 -25.98 30.09
C GLN B 131 -4.10 -26.00 31.15
N ILE B 132 -5.22 -26.66 30.87
CA ILE B 132 -6.26 -26.82 31.88
C ILE B 132 -5.70 -27.63 33.02
N HIS B 133 -5.00 -28.72 32.68
CA HIS B 133 -4.40 -29.58 33.71
C HIS B 133 -3.28 -28.95 34.54
N LYS B 134 -2.61 -27.93 33.98
CA LYS B 134 -1.66 -27.12 34.75
C LYS B 134 -2.33 -26.36 35.89
N LYS B 135 -3.59 -25.96 35.70
CA LYS B 135 -4.39 -25.34 36.77
C LYS B 135 -4.93 -26.40 37.71
N ASN B 136 -5.47 -27.49 37.17
CA ASN B 136 -5.98 -28.58 37.98
C ASN B 136 -5.99 -29.88 37.20
N PRO B 137 -5.14 -30.84 37.59
CA PRO B 137 -4.96 -32.05 36.81
C PRO B 137 -6.13 -33.00 36.91
N ASN B 138 -7.07 -32.73 37.81
CA ASN B 138 -8.21 -33.61 37.96
C ASN B 138 -9.46 -33.17 37.22
N ILE B 139 -9.39 -32.04 36.51
CA ILE B 139 -10.46 -31.64 35.59
C ILE B 139 -10.47 -32.64 34.43
N GLU B 140 -11.66 -33.13 34.10
CA GLU B 140 -11.85 -34.07 33.01
C GLU B 140 -11.98 -33.23 31.77
N VAL B 141 -11.09 -33.45 30.81
CA VAL B 141 -11.10 -32.70 29.53
C VAL B 141 -11.33 -33.64 28.34
N TYR B 142 -12.41 -33.38 27.61
CA TYR B 142 -12.76 -34.12 26.40
C TYR B 142 -12.58 -33.20 25.19
N SER B 143 -11.77 -33.66 24.23
CA SER B 143 -11.42 -32.84 23.09
C SER B 143 -11.77 -33.52 21.79
N ASN B 144 -12.26 -32.74 20.83
CA ASN B 144 -12.57 -33.29 19.50
C ASN B 144 -12.28 -32.25 18.41
N PRO B 145 -11.49 -32.63 17.38
CA PRO B 145 -11.28 -31.69 16.27
C PRO B 145 -12.54 -31.51 15.40
N CYS B 146 -12.71 -30.32 14.80
CA CYS B 146 -13.85 -30.06 13.92
C CYS B 146 -13.30 -29.57 12.59
N GLY B 147 -12.58 -30.44 11.89
CA GLY B 147 -11.77 -30.01 10.73
C GLY B 147 -12.45 -29.15 9.69
N LEU B 148 -13.69 -29.52 9.31
CA LEU B 148 -14.41 -28.80 8.27
C LEU B 148 -14.92 -27.43 8.66
N PHE B 149 -15.02 -27.14 9.95
CA PHE B 149 -15.69 -25.89 10.33
C PHE B 149 -15.07 -24.61 9.74
N VAL B 150 -13.75 -24.49 9.75
CA VAL B 150 -13.10 -23.28 9.28
C VAL B 150 -13.47 -22.97 7.83
N SER B 151 -13.27 -23.91 6.91
CA SER B 151 -13.60 -23.65 5.50
C SER B 151 -15.11 -23.41 5.29
N ILE B 153 -17.25 -22.10 7.29
CA ILE B 153 -17.62 -20.77 7.74
C ILE B 153 -17.08 -19.71 6.77
N GLU B 154 -15.84 -19.91 6.30
CA GLU B 154 -15.25 -18.97 5.35
C GLU B 154 -15.97 -18.96 4.01
N GLU B 155 -16.61 -20.09 3.68
CA GLU B 155 -17.41 -20.19 2.45
C GLU B 155 -18.83 -19.65 2.62
N GLY B 156 -19.15 -19.20 3.82
CA GLY B 156 -20.45 -18.56 4.08
C GLY B 156 -21.53 -19.46 4.61
N PHE B 157 -21.21 -20.71 4.95
CA PHE B 157 -22.19 -21.63 5.52
C PHE B 157 -22.15 -21.40 7.02
N VAL B 158 -23.06 -20.56 7.52
CA VAL B 158 -23.00 -20.05 8.92
C VAL B 158 -24.28 -20.35 9.73
N SER B 159 -25.26 -20.94 9.07
CA SER B 159 -26.47 -21.44 9.71
C SER B 159 -27.17 -22.36 8.73
N GLY B 160 -28.18 -23.06 9.20
CA GLY B 160 -28.94 -23.95 8.31
C GLY B 160 -28.57 -25.43 8.39
N HIS B 161 -29.14 -26.20 7.48
CA HIS B 161 -29.16 -27.64 7.63
C HIS B 161 -27.75 -28.23 7.45
N ILE B 162 -26.98 -27.72 6.51
CA ILE B 162 -25.58 -28.22 6.34
C ILE B 162 -24.75 -28.01 7.61
N VAL B 163 -24.79 -26.81 8.13
CA VAL B 163 -24.05 -26.46 9.35
C VAL B 163 -24.49 -27.37 10.48
N GLU B 164 -25.79 -27.53 10.62
CA GLU B 164 -26.30 -28.45 11.66
C GLU B 164 -25.84 -29.90 11.50
N LEU B 165 -25.83 -30.43 10.28
CA LEU B 165 -25.37 -31.78 10.08
C LEU B 165 -23.87 -31.98 10.31
N VAL B 166 -23.05 -31.03 9.84
CA VAL B 166 -21.62 -31.10 10.11
C VAL B 166 -21.38 -31.00 11.63
N ALA B 167 -22.07 -30.08 12.32
CA ALA B 167 -21.93 -29.95 13.77
C ALA B 167 -22.35 -31.25 14.48
N LYS B 168 -23.44 -31.88 14.03
CA LYS B 168 -23.85 -33.17 14.65
C LYS B 168 -22.75 -34.20 14.53
N GLU B 169 -22.08 -34.24 13.37
CA GLU B 169 -21.00 -35.18 13.14
C GLU B 169 -19.88 -35.03 14.19
N TYR B 170 -19.50 -33.78 14.49
CA TYR B 170 -18.40 -33.50 15.37
C TYR B 170 -18.80 -33.46 16.84
N LEU B 171 -20.01 -33.08 17.14
CA LEU B 171 -20.42 -32.84 18.54
C LEU B 171 -21.09 -34.04 19.20
N SER B 172 -21.46 -35.05 18.41
N SER B 172 -21.45 -35.04 18.41
CA SER B 172 -22.07 -36.25 18.97
CA SER B 172 -22.04 -36.27 18.94
C SER B 172 -21.13 -36.95 19.96
C SER B 172 -21.12 -36.95 19.96
N TYR B 173 -19.81 -36.83 19.74
CA TYR B 173 -18.81 -37.32 20.67
C TYR B 173 -19.09 -36.90 22.13
N PHE B 174 -19.70 -35.73 22.33
CA PHE B 174 -19.87 -35.17 23.68
C PHE B 174 -21.15 -35.61 24.36
N HIS B 175 -22.06 -36.25 23.64
CA HIS B 175 -23.40 -36.46 24.21
C HIS B 175 -23.39 -37.30 25.49
N ASP B 176 -22.52 -38.29 25.58
CA ASP B 176 -22.46 -39.12 26.80
C ASP B 176 -21.40 -38.64 27.82
N LYS B 177 -20.79 -37.46 27.62
CA LYS B 177 -19.63 -37.08 28.45
C LYS B 177 -19.98 -36.19 29.64
N ASN B 178 -21.22 -35.71 29.71
CA ASN B 178 -21.66 -34.85 30.80
C ASN B 178 -20.74 -33.64 31.00
N ILE B 179 -20.38 -32.98 29.90
CA ILE B 179 -19.58 -31.75 30.03
C ILE B 179 -20.39 -30.59 30.63
N GLN B 180 -19.72 -29.74 31.40
CA GLN B 180 -20.33 -28.54 31.99
C GLN B 180 -20.22 -27.30 31.12
N ALA B 181 -19.26 -27.31 30.20
CA ALA B 181 -19.08 -26.20 29.26
C ALA B 181 -18.28 -26.74 28.08
N LEU B 182 -18.44 -26.06 26.96
CA LEU B 182 -17.74 -26.39 25.73
C LEU B 182 -16.92 -25.17 25.32
N ILE B 183 -15.60 -25.32 25.25
CA ILE B 183 -14.73 -24.25 24.76
C ILE B 183 -14.77 -24.21 23.25
N LEU B 184 -15.16 -23.03 22.74
CA LEU B 184 -15.10 -22.74 21.31
C LEU B 184 -13.63 -22.32 20.98
N GLY B 185 -12.78 -23.34 20.87
CA GLY B 185 -11.33 -23.18 20.79
C GLY B 185 -10.77 -22.92 19.40
N CYS B 186 -11.55 -22.20 18.60
CA CYS B 186 -11.13 -21.69 17.30
C CYS B 186 -11.87 -20.38 17.08
N THR B 187 -11.17 -19.40 16.56
CA THR B 187 -11.77 -18.07 16.35
C THR B 187 -13.07 -18.09 15.53
N HIS B 188 -13.19 -19.06 14.62
CA HIS B 188 -14.30 -19.09 13.69
C HIS B 188 -15.60 -19.58 14.33
N TYR B 189 -15.49 -20.35 15.40
CA TYR B 189 -16.65 -21.15 15.86
C TYR B 189 -17.77 -20.32 16.49
N PRO B 190 -17.44 -19.20 17.19
CA PRO B 190 -18.56 -18.39 17.73
C PRO B 190 -19.58 -17.90 16.67
N ILE B 191 -19.19 -17.77 15.40
CA ILE B 191 -20.13 -17.43 14.30
C ILE B 191 -21.29 -18.37 14.22
N ILE B 192 -21.06 -19.64 14.51
CA ILE B 192 -22.07 -20.69 14.42
C ILE B 192 -22.59 -21.13 15.80
N LYS B 193 -22.39 -20.32 16.82
CA LYS B 193 -22.74 -20.72 18.17
C LYS B 193 -24.20 -21.13 18.32
N GLU B 194 -25.09 -20.44 17.60
CA GLU B 194 -26.52 -20.80 17.65
C GLU B 194 -26.79 -22.19 17.12
N SER B 195 -26.10 -22.61 16.05
CA SER B 195 -26.22 -23.98 15.56
C SER B 195 -25.62 -24.96 16.55
N ILE B 196 -24.48 -24.62 17.15
CA ILE B 196 -23.88 -25.50 18.15
C ILE B 196 -24.84 -25.71 19.34
N ALA B 197 -25.41 -24.61 19.83
CA ALA B 197 -26.32 -24.63 20.98
C ALA B 197 -27.54 -25.52 20.75
N LYS B 198 -27.98 -25.65 19.50
CA LYS B 198 -29.11 -26.57 19.15
C LYS B 198 -28.77 -28.05 19.35
N ILE B 199 -27.52 -28.42 19.10
CA ILE B 199 -27.05 -29.80 19.17
C ILE B 199 -26.58 -30.19 20.58
N LEU B 200 -25.89 -29.28 21.23
CA LEU B 200 -25.27 -29.56 22.50
C LEU B 200 -25.59 -28.43 23.44
N ASP B 201 -26.58 -28.68 24.29
CA ASP B 201 -27.16 -27.68 25.17
C ASP B 201 -26.31 -27.50 26.43
N VAL B 202 -25.15 -26.87 26.26
CA VAL B 202 -24.27 -26.56 27.39
C VAL B 202 -23.70 -25.17 27.24
N LYS B 203 -23.11 -24.63 28.32
CA LYS B 203 -22.52 -23.31 28.30
C LYS B 203 -21.39 -23.28 27.25
N LEU B 204 -21.46 -22.34 26.32
CA LEU B 204 -20.40 -22.20 25.31
C LEU B 204 -19.43 -21.08 25.70
N ILE B 205 -18.13 -21.38 25.68
CA ILE B 205 -17.11 -20.47 26.12
C ILE B 205 -16.38 -19.89 24.90
N ASP B 206 -16.44 -18.57 24.76
CA ASP B 206 -15.75 -17.88 23.67
C ASP B 206 -14.69 -17.01 24.33
N PRO B 207 -13.41 -17.37 24.18
CA PRO B 207 -12.38 -16.69 24.94
C PRO B 207 -11.88 -15.36 24.37
N SER B 208 -12.36 -14.93 23.21
CA SER B 208 -11.80 -13.68 22.61
C SER B 208 -11.89 -12.43 23.44
N LEU B 209 -13.06 -12.15 24.02
CA LEU B 209 -13.19 -10.94 24.82
C LEU B 209 -12.34 -11.00 26.09
N GLN B 210 -12.32 -12.16 26.73
CA GLN B 210 -11.47 -12.39 27.92
C GLN B 210 -10.01 -12.10 27.59
N ALA B 211 -9.54 -12.57 26.44
CA ALA B 211 -8.15 -12.27 26.02
C ALA B 211 -7.94 -10.77 25.89
N SER B 212 -8.89 -10.08 25.27
CA SER B 212 -8.80 -8.63 25.15
C SER B 212 -8.77 -7.94 26.52
N LYS B 213 -9.62 -8.39 27.44
CA LYS B 213 -9.60 -7.87 28.83
C LYS B 213 -8.31 -8.10 29.55
N LEU B 215 -5.39 -8.16 28.10
CA LEU B 215 -4.51 -7.14 27.57
C LEU B 215 -4.84 -5.76 28.18
N TYR B 216 -6.10 -5.40 28.27
CA TYR B 216 -6.51 -4.16 28.95
C TYR B 216 -5.91 -4.09 30.38
N SER B 217 -6.05 -5.16 31.16
CA SER B 217 -5.58 -5.10 32.55
C SER B 217 -4.10 -4.88 32.61
N LEU B 218 -3.35 -5.55 31.73
CA LEU B 218 -1.93 -5.37 31.67
C LEU B 218 -1.56 -3.95 31.33
N LEU B 219 -2.16 -3.38 30.30
CA LEU B 219 -1.81 -1.98 29.93
C LEU B 219 -2.16 -0.99 31.02
N PHE B 220 -3.32 -1.17 31.62
CA PHE B 220 -3.78 -0.28 32.68
C PHE B 220 -2.85 -0.35 33.88
N GLU B 221 -2.58 -1.56 34.35
CA GLU B 221 -1.83 -1.70 35.59
C GLU B 221 -0.40 -1.21 35.40
N ASN B 222 0.11 -1.34 34.18
CA ASN B 222 1.48 -0.92 33.88
C ASN B 222 1.59 0.50 33.34
N LYS B 223 0.48 1.24 33.36
CA LYS B 223 0.41 2.63 32.88
C LYS B 223 0.91 2.80 31.43
N LEU B 224 0.50 1.88 30.55
CA LEU B 224 0.93 1.90 29.15
C LEU B 224 -0.21 2.20 28.18
N LEU B 225 -0.95 3.27 28.46
CA LEU B 225 -2.11 3.66 27.70
C LEU B 225 -1.81 4.85 26.80
N ASN B 226 -2.36 4.81 25.58
CA ASN B 226 -2.16 5.82 24.57
C ASN B 226 -2.81 7.16 24.99
N THR B 227 -1.99 8.21 25.03
CA THR B 227 -2.45 9.55 25.42
C THR B 227 -2.31 10.55 24.29
N THR B 228 -2.28 10.08 23.05
CA THR B 228 -2.33 10.97 21.91
C THR B 228 -3.80 11.43 21.69
N LYS B 229 -3.96 12.53 20.99
CA LYS B 229 -5.30 13.11 20.77
C LYS B 229 -5.77 12.94 19.34
N SER B 230 -4.97 12.25 18.54
CA SER B 230 -5.26 12.04 17.14
C SER B 230 -6.13 10.78 16.99
N ASN B 231 -6.78 10.66 15.85
CA ASN B 231 -7.58 9.50 15.52
C ASN B 231 -6.70 8.25 15.66
N PRO B 232 -7.24 7.18 16.28
CA PRO B 232 -6.46 5.96 16.33
C PRO B 232 -6.25 5.39 14.95
N GLU B 233 -5.10 4.76 14.79
CA GLU B 233 -4.70 4.19 13.56
C GLU B 233 -4.93 2.68 13.66
N TYR B 234 -5.76 2.18 12.77
CA TYR B 234 -6.00 0.74 12.63
C TYR B 234 -5.43 0.26 11.30
N ARG B 235 -4.38 -0.58 11.35
CA ARG B 235 -3.68 -1.01 10.12
C ARG B 235 -3.87 -2.50 10.00
N PHE B 236 -4.25 -2.96 8.81
CA PHE B 236 -4.50 -4.38 8.56
C PHE B 236 -3.44 -4.79 7.57
N TYR B 237 -2.44 -5.50 8.06
CA TYR B 237 -1.35 -5.99 7.22
C TYR B 237 -1.55 -7.46 6.92
N VAL B 238 -1.59 -7.81 5.63
CA VAL B 238 -1.87 -9.16 5.24
C VAL B 238 -0.94 -9.61 4.12
N THR B 239 -0.67 -10.92 4.07
CA THR B 239 0.22 -11.46 3.04
C THR B 239 -0.50 -11.89 1.75
N ASP B 240 -1.82 -11.80 1.75
CA ASP B 240 -2.58 -11.94 0.47
C ASP B 240 -3.89 -11.22 0.59
N ILE B 241 -4.43 -10.82 -0.56
CA ILE B 241 -5.77 -10.21 -0.62
C ILE B 241 -6.50 -10.92 -1.75
N PRO B 242 -7.09 -12.08 -1.45
CA PRO B 242 -7.98 -12.73 -2.42
C PRO B 242 -9.36 -12.08 -2.47
N LEU B 243 -10.13 -12.38 -3.50
CA LEU B 243 -11.38 -11.68 -3.72
C LEU B 243 -12.36 -11.77 -2.56
N LYS B 244 -12.41 -12.90 -1.87
CA LYS B 244 -13.36 -13.06 -0.76
C LYS B 244 -12.89 -12.44 0.55
N PHE B 245 -11.67 -11.90 0.62
CA PHE B 245 -11.13 -11.47 1.91
C PHE B 245 -11.89 -10.33 2.59
N ARG B 246 -12.17 -9.29 1.83
CA ARG B 246 -12.89 -8.14 2.35
C ARG B 246 -14.16 -8.59 3.03
N SER B 247 -14.97 -9.35 2.31
CA SER B 247 -16.27 -9.72 2.82
C SER B 247 -16.21 -10.69 4.00
N VAL B 248 -15.34 -11.70 3.93
CA VAL B 248 -15.29 -12.68 5.02
C VAL B 248 -14.62 -12.03 6.24
N GLY B 249 -13.57 -11.25 6.05
CA GLY B 249 -12.91 -10.60 7.19
C GLY B 249 -13.82 -9.65 7.92
N GLU B 250 -14.57 -8.84 7.17
CA GLU B 250 -15.43 -7.83 7.76
C GLU B 250 -16.65 -8.45 8.42
N PHE B 252 -16.26 -10.87 10.49
CA PHE B 252 -15.70 -11.02 11.84
C PHE B 252 -15.47 -9.69 12.48
N LEU B 253 -14.97 -8.71 11.72
CA LEU B 253 -14.58 -7.40 12.28
C LEU B 253 -15.81 -6.59 12.64
N GLN B 254 -16.86 -6.68 11.83
N GLN B 254 -16.81 -6.70 11.76
CA GLN B 254 -18.12 -5.95 12.08
CA GLN B 254 -18.11 -6.01 11.85
C GLN B 254 -18.01 -4.44 11.80
C GLN B 254 -18.11 -4.54 11.43
N THR B 255 -16.96 -4.07 11.06
N THR B 255 -16.91 -3.98 11.22
CA THR B 255 -16.75 -2.71 10.61
CA THR B 255 -16.73 -2.66 10.63
C THR B 255 -15.74 -2.77 9.44
C THR B 255 -15.78 -2.78 9.42
N GLU B 256 -15.56 -1.67 8.71
CA GLU B 256 -14.65 -1.66 7.54
C GLU B 256 -13.19 -1.76 7.92
N GLN B 258 -10.48 -0.32 6.82
CA GLN B 258 -10.25 0.86 6.00
C GLN B 258 -8.80 1.01 5.53
N HIS B 259 -7.81 0.76 6.41
CA HIS B 259 -6.40 0.85 5.95
C HIS B 259 -5.80 -0.56 5.85
N LEU B 260 -5.73 -1.05 4.62
CA LEU B 260 -5.36 -2.43 4.29
C LEU B 260 -4.13 -2.41 3.39
N GLU B 261 -3.11 -3.20 3.71
CA GLU B 261 -1.89 -3.19 2.89
C GLU B 261 -1.33 -4.63 2.73
N ILE B 262 -0.97 -4.98 1.48
CA ILE B 262 -0.28 -6.22 1.17
C ILE B 262 1.20 -6.12 1.55
N VAL B 263 1.64 -7.05 2.37
CA VAL B 263 3.02 -7.15 2.82
C VAL B 263 3.56 -8.54 2.53
N SER B 264 4.88 -8.66 2.70
CA SER B 264 5.60 -9.90 2.51
C SER B 264 6.42 -10.26 3.72
N LEU B 265 6.45 -11.56 4.00
CA LEU B 265 7.32 -12.14 5.02
C LEU B 265 8.61 -12.71 4.42
N ASP B 266 8.88 -12.44 3.14
CA ASP B 266 10.07 -13.00 2.48
C ASP B 266 11.39 -12.73 3.25
N SER B 267 11.51 -11.56 3.86
CA SER B 267 12.74 -11.17 4.57
C SER B 267 12.77 -11.54 6.03
N TYR B 268 11.79 -12.31 6.50
CA TYR B 268 11.62 -12.58 7.92
C TYR B 268 11.82 -14.03 8.26
N LEU C 5 38.77 -6.29 -9.76
CA LEU C 5 37.63 -5.91 -8.89
C LEU C 5 37.65 -4.40 -8.68
N ASP C 6 38.82 -3.86 -8.39
CA ASP C 6 38.91 -2.45 -8.08
C ASP C 6 38.58 -1.54 -9.28
N ASN C 7 38.54 -2.09 -10.49
CA ASN C 7 38.19 -1.32 -11.71
C ASN C 7 36.74 -1.46 -12.18
N ARG C 8 35.95 -2.22 -11.44
CA ARG C 8 34.52 -2.33 -11.68
C ARG C 8 33.79 -1.06 -11.22
N PRO C 9 32.57 -0.84 -11.74
CA PRO C 9 31.85 0.39 -11.36
C PRO C 9 31.16 0.30 -10.00
N ILE C 10 30.88 1.46 -9.42
CA ILE C 10 29.98 1.60 -8.27
C ILE C 10 28.54 1.70 -8.78
N GLY C 11 27.61 0.99 -8.13
CA GLY C 11 26.20 1.09 -8.45
C GLY C 11 25.45 2.02 -7.53
N VAL C 12 24.71 2.97 -8.10
CA VAL C 12 23.83 3.84 -7.30
C VAL C 12 22.41 3.32 -7.62
N PHE C 13 21.75 2.78 -6.59
CA PHE C 13 20.46 2.06 -6.70
C PHE C 13 19.36 3.00 -6.20
N ASP C 14 18.45 3.38 -7.08
CA ASP C 14 17.41 4.34 -6.79
C ASP C 14 16.06 3.76 -7.13
N SER C 15 15.01 4.32 -6.53
CA SER C 15 13.67 4.23 -7.06
C SER C 15 13.61 5.08 -8.32
N GLY C 16 13.90 6.38 -8.18
CA GLY C 16 14.07 7.23 -9.35
C GLY C 16 14.24 8.69 -9.03
N ILE C 17 15.04 9.33 -9.86
CA ILE C 17 15.24 10.82 -9.85
C ILE C 17 16.05 11.44 -8.70
N GLY C 18 15.65 11.19 -7.46
CA GLY C 18 16.35 11.83 -6.32
C GLY C 18 17.72 11.28 -6.03
N GLY C 19 17.95 10.01 -6.37
CA GLY C 19 19.21 9.36 -6.18
C GLY C 19 20.34 9.95 -6.99
N LEU C 20 20.00 10.78 -7.98
CA LEU C 20 21.03 11.44 -8.79
C LEU C 20 21.91 12.37 -7.95
N THR C 21 21.43 12.82 -6.80
N THR C 21 21.43 12.81 -6.79
CA THR C 21 22.27 13.61 -5.89
CA THR C 21 22.24 13.61 -5.87
C THR C 21 23.49 12.80 -5.43
C THR C 21 23.45 12.83 -5.30
N ILE C 22 23.29 11.52 -5.15
CA ILE C 22 24.39 10.67 -4.69
C ILE C 22 25.39 10.51 -5.84
N VAL C 23 24.92 10.41 -7.09
CA VAL C 23 25.85 10.37 -8.18
C VAL C 23 26.72 11.65 -8.18
N LYS C 24 26.07 12.79 -8.09
CA LYS C 24 26.75 14.10 -7.92
C LYS C 24 27.80 14.09 -6.80
N ASN C 25 27.41 13.61 -5.63
CA ASN C 25 28.37 13.51 -4.50
C ASN C 25 29.56 12.60 -4.83
N LEU C 26 29.33 11.46 -5.48
CA LEU C 26 30.41 10.54 -5.77
C LEU C 26 31.32 11.09 -6.89
N SER C 28 32.33 14.01 -7.00
N SER C 28 32.29 14.01 -7.01
CA SER C 28 33.24 14.89 -6.26
CA SER C 28 33.13 14.90 -6.19
C SER C 28 34.16 14.13 -5.30
C SER C 28 34.11 14.15 -5.29
N ILE C 29 33.59 13.15 -4.59
CA ILE C 29 34.36 12.39 -3.59
C ILE C 29 35.25 11.31 -4.19
N LEU C 30 34.78 10.67 -5.26
CA LEU C 30 35.46 9.58 -5.96
C LEU C 30 35.55 9.85 -7.47
N PRO C 31 36.28 10.91 -7.86
CA PRO C 31 36.31 11.33 -9.26
C PRO C 31 36.92 10.34 -10.25
N ASN C 32 37.58 9.29 -9.77
CA ASN C 32 38.14 8.32 -10.70
C ASN C 32 37.39 7.00 -10.81
N GLU C 33 36.20 6.96 -10.24
CA GLU C 33 35.39 5.75 -10.24
C GLU C 33 34.37 5.78 -11.37
N ASP C 34 34.18 4.65 -12.01
CA ASP C 34 33.04 4.47 -12.93
C ASP C 34 31.77 4.30 -12.09
N ILE C 35 30.67 4.87 -12.55
CA ILE C 35 29.39 4.78 -11.84
C ILE C 35 28.29 4.33 -12.77
N ILE C 36 27.45 3.43 -12.29
CA ILE C 36 26.22 3.04 -12.96
C ILE C 36 25.09 3.49 -12.02
N TYR C 37 24.21 4.34 -12.53
CA TYR C 37 22.96 4.71 -11.86
C TYR C 37 21.82 3.90 -12.41
N PHE C 38 20.93 3.43 -11.53
CA PHE C 38 19.68 2.80 -11.98
C PHE C 38 18.48 3.52 -11.35
N GLY C 39 17.56 3.93 -12.20
CA GLY C 39 16.27 4.46 -11.76
C GLY C 39 15.12 3.78 -12.48
N ASP C 40 14.19 3.28 -11.69
CA ASP C 40 12.97 2.64 -12.20
C ASP C 40 11.87 3.71 -12.52
N ILE C 41 12.18 4.55 -13.49
CA ILE C 41 11.40 5.74 -13.80
C ILE C 41 10.01 5.35 -14.31
N ALA C 42 9.84 4.18 -14.91
CA ALA C 42 8.55 3.71 -15.40
C ALA C 42 7.55 3.50 -14.26
N ARG C 43 8.03 3.17 -13.05
CA ARG C 43 7.14 2.73 -11.97
C ARG C 43 7.16 3.61 -10.74
N ILE C 44 7.94 4.71 -10.73
CA ILE C 44 7.92 5.61 -9.58
C ILE C 44 6.57 6.34 -9.52
N PRO C 45 6.19 6.77 -8.31
CA PRO C 45 6.93 6.72 -7.06
C PRO C 45 6.83 5.37 -6.37
N TYR C 46 7.86 5.06 -5.58
CA TYR C 46 7.77 3.94 -4.65
C TYR C 46 7.15 4.35 -3.30
N GLY C 47 7.26 5.64 -2.95
CA GLY C 47 6.84 6.10 -1.62
C GLY C 47 5.40 5.93 -1.24
N THR C 48 4.54 5.70 -2.22
CA THR C 48 3.12 5.54 -2.03
C THR C 48 2.65 4.09 -2.33
N LYS C 49 3.59 3.16 -2.48
CA LYS C 49 3.28 1.78 -2.83
C LYS C 49 3.38 0.87 -1.59
N SER C 50 2.91 -0.34 -1.71
CA SER C 50 2.97 -1.31 -0.62
C SER C 50 4.31 -1.93 -0.39
N ARG C 51 4.50 -2.48 0.80
N ARG C 51 4.49 -2.48 0.81
CA ARG C 51 5.74 -3.19 1.09
CA ARG C 51 5.72 -3.19 1.13
C ARG C 51 5.97 -4.34 0.12
C ARG C 51 5.97 -4.34 0.15
N ALA C 52 4.94 -5.13 -0.16
CA ALA C 52 5.12 -6.24 -1.08
C ALA C 52 5.55 -5.81 -2.48
N THR C 53 4.97 -4.73 -2.99
CA THR C 53 5.35 -4.22 -4.31
C THR C 53 6.74 -3.60 -4.36
N ILE C 54 7.09 -2.84 -3.32
CA ILE C 54 8.42 -2.23 -3.23
C ILE C 54 9.47 -3.35 -3.24
N GLN C 55 9.23 -4.39 -2.45
CA GLN C 55 10.17 -5.54 -2.43
C GLN C 55 10.30 -6.29 -3.77
N LYS C 56 9.18 -6.50 -4.46
CA LYS C 56 9.14 -7.08 -5.80
C LYS C 56 9.96 -6.26 -6.79
N PHE C 57 9.73 -4.94 -6.80
CA PHE C 57 10.47 -4.07 -7.68
C PHE C 57 11.96 -4.05 -7.36
N ALA C 58 12.29 -3.90 -6.08
CA ALA C 58 13.70 -3.77 -5.68
C ALA C 58 14.47 -5.04 -6.02
N ALA C 59 13.82 -6.18 -5.92
CA ALA C 59 14.49 -7.44 -6.27
C ALA C 59 14.88 -7.44 -7.74
N GLN C 60 14.00 -6.93 -8.61
CA GLN C 60 14.36 -6.87 -10.05
C GLN C 60 15.53 -5.93 -10.34
N THR C 61 15.51 -4.72 -9.77
CA THR C 61 16.64 -3.80 -9.93
C THR C 61 17.94 -4.33 -9.43
N ALA C 62 17.91 -4.92 -8.24
CA ALA C 62 19.12 -5.47 -7.66
C ALA C 62 19.71 -6.49 -8.60
N LYS C 63 18.87 -7.37 -9.17
CA LYS C 63 19.38 -8.38 -10.09
C LYS C 63 19.98 -7.76 -11.35
N PHE C 64 19.35 -6.74 -11.91
CA PHE C 64 19.95 -6.00 -13.02
C PHE C 64 21.32 -5.45 -12.65
N LEU C 65 21.46 -4.84 -11.47
CA LEU C 65 22.74 -4.21 -11.11
C LEU C 65 23.86 -5.23 -10.92
N ILE C 66 23.56 -6.36 -10.28
CA ILE C 66 24.53 -7.41 -10.12
C ILE C 66 25.00 -7.92 -11.45
N ASP C 67 24.10 -7.97 -12.44
CA ASP C 67 24.46 -8.43 -13.79
C ASP C 67 25.38 -7.45 -14.51
N GLN C 68 25.51 -6.23 -14.01
CA GLN C 68 26.48 -5.25 -14.57
C GLN C 68 27.86 -5.32 -13.88
N GLU C 69 28.02 -6.25 -12.95
CA GLU C 69 29.31 -6.53 -12.28
C GLU C 69 29.82 -5.33 -11.48
N VAL C 70 28.97 -4.74 -10.66
CA VAL C 70 29.37 -3.64 -9.83
C VAL C 70 30.19 -4.19 -8.66
N LYS C 71 31.10 -3.39 -8.11
CA LYS C 71 31.90 -3.80 -6.94
C LYS C 71 31.34 -3.36 -5.60
N ALA C 72 30.39 -2.41 -5.60
CA ALA C 72 29.73 -1.91 -4.42
C ALA C 72 28.44 -1.24 -4.85
N ILE C 73 27.49 -1.18 -3.93
CA ILE C 73 26.19 -0.51 -4.18
C ILE C 73 25.89 0.45 -3.08
N ILE C 74 25.36 1.64 -3.44
CA ILE C 74 24.73 2.51 -2.47
C ILE C 74 23.25 2.59 -2.80
N ILE C 75 22.42 2.20 -1.84
CA ILE C 75 20.97 2.39 -1.97
C ILE C 75 20.66 3.83 -1.61
N ALA C 76 20.41 4.64 -2.64
CA ALA C 76 20.20 6.06 -2.50
C ALA C 76 18.83 6.39 -1.94
N CYS C 77 17.87 5.50 -2.17
CA CYS C 77 16.47 5.72 -1.84
C CYS C 77 16.17 5.28 -0.44
N ASN C 78 15.57 6.18 0.35
CA ASN C 78 15.15 5.85 1.71
C ASN C 78 14.03 4.82 1.76
N THR C 79 13.15 4.87 0.74
CA THR C 79 11.98 3.98 0.67
C THR C 79 12.45 2.54 0.42
N ILE C 80 13.37 2.32 -0.52
CA ILE C 80 13.94 0.99 -0.73
C ILE C 80 14.73 0.57 0.51
N SER C 81 15.51 1.50 1.08
CA SER C 81 16.32 1.19 2.27
C SER C 81 15.44 0.72 3.44
N ALA C 82 14.30 1.35 3.61
CA ALA C 82 13.41 1.04 4.70
C ALA C 82 12.79 -0.34 4.64
N ILE C 83 12.46 -0.74 3.41
CA ILE C 83 11.53 -1.86 3.17
C ILE C 83 12.21 -3.04 2.51
N ALA C 84 13.24 -2.78 1.69
CA ALA C 84 13.83 -3.82 0.86
C ALA C 84 15.35 -3.98 1.02
N LYS C 85 15.92 -3.45 2.10
CA LYS C 85 17.37 -3.47 2.25
C LYS C 85 17.84 -4.91 2.32
N ASP C 86 17.15 -5.73 3.07
CA ASP C 86 17.61 -7.13 3.23
C ASP C 86 17.50 -7.90 1.92
N ILE C 87 16.39 -7.71 1.20
CA ILE C 87 16.20 -8.29 -0.16
C ILE C 87 17.40 -7.95 -1.07
N VAL C 88 17.77 -6.66 -1.09
CA VAL C 88 18.88 -6.16 -1.93
C VAL C 88 20.21 -6.78 -1.52
N GLN C 89 20.50 -6.80 -0.23
CA GLN C 89 21.76 -7.35 0.27
C GLN C 89 21.86 -8.85 0.01
N GLU C 90 20.72 -9.55 0.08
CA GLU C 90 20.69 -11.02 -0.15
C GLU C 90 20.99 -11.33 -1.62
N ILE C 91 20.55 -10.47 -2.51
CA ILE C 91 20.84 -10.61 -3.95
C ILE C 91 22.26 -10.17 -4.26
N ALA C 92 22.72 -9.10 -3.62
N ALA C 92 22.74 -9.11 -3.62
CA ALA C 92 24.08 -8.60 -3.81
CA ALA C 92 24.10 -8.58 -3.81
C ALA C 92 25.03 -9.30 -2.84
C ALA C 92 25.27 -9.35 -3.22
N LYS C 93 24.95 -10.62 -2.78
N LYS C 93 25.31 -10.60 -3.48
CA LYS C 93 25.76 -11.42 -1.88
CA LYS C 93 26.19 -11.50 -2.77
C LYS C 93 27.04 -10.71 -1.44
C LYS C 93 27.65 -11.17 -3.09
N ALA C 94 28.17 -11.11 -2.03
N ALA C 94 28.44 -11.09 -2.07
CA ALA C 94 29.49 -10.60 -1.63
CA ALA C 94 29.84 -10.68 -2.15
C ALA C 94 29.73 -9.08 -1.86
C ALA C 94 30.00 -9.20 -2.52
N ILE C 95 28.90 -8.46 -2.67
CA ILE C 95 28.99 -7.05 -3.01
C ILE C 95 28.50 -6.25 -1.79
N PRO C 96 29.34 -5.35 -1.25
CA PRO C 96 28.87 -4.54 -0.12
C PRO C 96 27.82 -3.51 -0.51
N VAL C 97 26.87 -3.31 0.39
CA VAL C 97 25.73 -2.43 0.16
C VAL C 97 25.64 -1.42 1.31
N ILE C 98 25.80 -0.14 0.96
CA ILE C 98 25.63 0.99 1.86
C ILE C 98 24.21 1.52 1.64
N ASP C 99 23.53 1.91 2.73
CA ASP C 99 22.16 2.47 2.59
C ASP C 99 22.01 3.78 3.32
N VAL C 100 21.12 4.62 2.82
CA VAL C 100 20.96 5.95 3.38
C VAL C 100 20.36 5.96 4.78
N ILE C 101 19.59 4.93 5.18
CA ILE C 101 19.06 4.91 6.56
C ILE C 101 20.17 4.72 7.58
N THR C 102 21.05 3.75 7.32
CA THR C 102 22.24 3.54 8.14
C THR C 102 23.02 4.85 8.25
N ALA C 103 23.16 5.56 7.14
CA ALA C 103 23.87 6.86 7.15
C ALA C 103 23.19 7.89 8.06
N GLY C 104 21.88 8.03 7.91
CA GLY C 104 21.09 8.94 8.72
C GLY C 104 21.17 8.61 10.20
N VAL C 105 21.04 7.35 10.55
CA VAL C 105 21.09 6.90 11.94
C VAL C 105 22.44 7.24 12.60
N SER C 106 23.51 7.13 11.83
CA SER C 106 24.87 7.41 12.30
C SER C 106 25.07 8.87 12.69
N LEU C 107 24.17 9.76 12.23
CA LEU C 107 24.32 11.21 12.48
C LEU C 107 23.52 11.67 13.68
N VAL C 108 22.71 10.79 14.27
CA VAL C 108 21.80 11.23 15.33
C VAL C 108 21.92 10.39 16.59
N ASP C 109 22.75 9.34 16.58
CA ASP C 109 22.73 8.41 17.72
C ASP C 109 23.35 8.97 19.03
N ASN C 110 23.88 10.20 18.98
CA ASN C 110 24.24 11.00 20.19
C ASN C 110 23.13 11.89 20.81
N LEU C 111 21.95 11.94 20.21
CA LEU C 111 20.89 12.86 20.62
C LEU C 111 19.89 12.21 21.54
N ASN C 112 18.94 12.99 22.06
CA ASN C 112 17.85 12.50 22.92
C ASN C 112 16.48 12.48 22.24
N THR C 113 16.23 13.46 21.35
CA THR C 113 14.92 13.59 20.68
C THR C 113 15.12 13.95 19.22
N VAL C 114 14.60 13.10 18.32
CA VAL C 114 14.89 13.18 16.88
C VAL C 114 13.57 13.14 16.13
N GLY C 115 13.44 13.99 15.12
CA GLY C 115 12.30 13.96 14.23
C GLY C 115 12.74 13.34 12.91
N VAL C 116 11.79 12.71 12.25
CA VAL C 116 12.00 12.11 10.94
C VAL C 116 10.84 12.45 9.99
N ILE C 117 11.16 12.95 8.80
CA ILE C 117 10.17 13.08 7.72
C ILE C 117 10.62 12.23 6.54
N ALA C 118 9.65 11.65 5.85
CA ALA C 118 9.91 10.70 4.77
C ALA C 118 8.63 10.41 4.00
N THR C 119 8.75 9.55 3.00
CA THR C 119 7.58 9.12 2.27
C THR C 119 6.64 8.32 3.19
N PRO C 120 5.37 8.20 2.80
CA PRO C 120 4.43 7.37 3.57
C PRO C 120 4.97 5.94 3.79
N ALA C 121 5.54 5.35 2.74
CA ALA C 121 6.04 4.00 2.88
C ALA C 121 7.15 3.92 3.91
N THR C 122 8.09 4.86 3.85
CA THR C 122 9.21 4.86 4.79
C THR C 122 8.73 5.03 6.23
N ILE C 123 7.85 5.98 6.45
CA ILE C 123 7.35 6.17 7.82
C ILE C 123 6.53 4.98 8.27
N ASN C 124 5.64 4.47 7.43
CA ASN C 124 4.79 3.36 7.84
C ASN C 124 5.59 2.11 8.16
N SER C 125 6.76 1.94 7.54
CA SER C 125 7.63 0.81 7.78
C SER C 125 8.27 0.82 9.14
N ASN C 126 8.29 1.98 9.79
CA ASN C 126 8.95 2.20 11.06
C ASN C 126 10.45 2.07 11.03
N ALA C 127 11.06 2.01 9.85
CA ALA C 127 12.46 1.68 9.76
C ALA C 127 13.38 2.65 10.48
N TYR C 128 13.14 3.96 10.37
CA TYR C 128 14.05 4.90 11.03
C TYR C 128 14.03 4.72 12.52
N ALA C 129 12.84 4.67 13.11
CA ALA C 129 12.75 4.51 14.54
C ALA C 129 13.39 3.21 15.01
N LEU C 130 13.09 2.12 14.32
CA LEU C 130 13.67 0.83 14.64
C LEU C 130 15.19 0.86 14.63
N GLN C 131 15.73 1.44 13.57
CA GLN C 131 17.19 1.43 13.39
C GLN C 131 17.86 2.36 14.37
N ILE C 132 17.24 3.48 14.63
CA ILE C 132 17.75 4.37 15.69
C ILE C 132 17.79 3.62 17.02
N HIS C 133 16.71 2.92 17.35
CA HIS C 133 16.61 2.21 18.61
C HIS C 133 17.52 0.99 18.71
N LYS C 134 18.05 0.51 17.60
CA LYS C 134 19.05 -0.55 17.64
C LYS C 134 20.31 0.02 18.35
N LYS C 135 20.66 1.27 18.02
CA LYS C 135 21.83 1.96 18.60
C LYS C 135 21.54 2.48 20.02
N ASN C 136 20.43 3.19 20.15
CA ASN C 136 20.01 3.71 21.44
C ASN C 136 18.52 3.67 21.56
N PRO C 137 18.02 2.67 22.33
CA PRO C 137 16.61 2.46 22.52
C PRO C 137 15.89 3.56 23.26
N ASN C 138 16.65 4.44 23.94
CA ASN C 138 16.09 5.51 24.72
C ASN C 138 15.87 6.83 23.97
N ILE C 139 16.31 6.90 22.71
CA ILE C 139 16.07 8.11 21.91
C ILE C 139 14.60 8.20 21.57
N GLU C 140 13.99 9.38 21.78
CA GLU C 140 12.60 9.62 21.41
C GLU C 140 12.58 9.97 19.92
N VAL C 141 11.89 9.16 19.12
CA VAL C 141 11.80 9.38 17.68
C VAL C 141 10.35 9.71 17.31
N TYR C 142 10.16 10.86 16.69
CA TYR C 142 8.86 11.33 16.19
C TYR C 142 8.91 11.34 14.66
N SER C 143 7.98 10.64 14.01
CA SER C 143 8.01 10.45 12.56
C SER C 143 6.70 10.94 11.91
N ASN C 144 6.79 11.63 10.79
CA ASN C 144 5.62 12.12 10.07
C ASN C 144 5.87 12.04 8.57
N PRO C 145 4.93 11.45 7.83
CA PRO C 145 5.06 11.37 6.37
C PRO C 145 4.78 12.72 5.74
N CYS C 146 5.45 13.01 4.63
CA CYS C 146 5.22 14.24 3.88
C CYS C 146 4.86 13.90 2.43
N GLY C 147 3.70 13.26 2.28
CA GLY C 147 3.37 12.63 1.03
C GLY C 147 3.48 13.44 -0.25
N LEU C 148 3.09 14.72 -0.20
CA LEU C 148 3.07 15.56 -1.41
C LEU C 148 4.45 16.07 -1.86
N PHE C 149 5.44 16.03 -0.96
CA PHE C 149 6.75 16.65 -1.24
C PHE C 149 7.41 16.10 -2.53
N VAL C 150 7.43 14.78 -2.72
CA VAL C 150 8.15 14.21 -3.88
C VAL C 150 7.61 14.76 -5.20
N SER C 151 6.28 14.73 -5.39
N SER C 151 6.30 14.73 -5.39
CA SER C 151 5.68 15.17 -6.66
CA SER C 151 5.73 15.13 -6.67
C SER C 151 5.82 16.67 -6.80
C SER C 151 5.77 16.66 -6.82
N ILE C 153 8.13 18.66 -5.72
CA ILE C 153 9.50 18.98 -6.09
C ILE C 153 9.77 18.57 -7.52
N GLU C 154 9.31 17.36 -7.91
CA GLU C 154 9.47 16.91 -9.30
C GLU C 154 8.74 17.78 -10.32
N GLU C 155 7.69 18.46 -9.88
CA GLU C 155 6.94 19.35 -10.75
C GLU C 155 7.57 20.76 -10.75
N GLY C 156 8.65 20.93 -10.02
CA GLY C 156 9.41 22.20 -10.06
C GLY C 156 9.01 23.22 -8.99
N PHE C 157 8.10 22.86 -8.09
CA PHE C 157 7.78 23.70 -6.94
C PHE C 157 8.81 23.49 -5.81
N VAL C 158 9.86 24.32 -5.79
CA VAL C 158 11.03 24.08 -4.92
C VAL C 158 11.34 25.24 -3.96
N SER C 159 10.52 26.29 -4.00
CA SER C 159 10.65 27.42 -3.11
C SER C 159 9.36 28.24 -3.26
N GLY C 160 9.13 29.18 -2.38
CA GLY C 160 7.98 30.03 -2.49
C GLY C 160 6.81 29.63 -1.60
N HIS C 161 5.71 30.34 -1.79
CA HIS C 161 4.55 30.29 -0.91
C HIS C 161 3.88 28.91 -0.90
N ILE C 162 3.77 28.27 -2.06
CA ILE C 162 3.16 26.92 -2.12
C ILE C 162 3.98 25.95 -1.27
N VAL C 163 5.27 25.88 -1.52
CA VAL C 163 6.17 25.04 -0.75
C VAL C 163 6.12 25.32 0.74
N GLU C 164 6.14 26.60 1.13
CA GLU C 164 6.03 26.95 2.54
C GLU C 164 4.71 26.49 3.20
N LEU C 165 3.61 26.62 2.49
CA LEU C 165 2.31 26.18 3.02
C LEU C 165 2.20 24.67 3.19
N VAL C 166 2.67 23.93 2.20
CA VAL C 166 2.65 22.46 2.30
C VAL C 166 3.55 22.00 3.42
N ALA C 167 4.71 22.61 3.50
CA ALA C 167 5.64 22.31 4.58
C ALA C 167 5.03 22.62 5.96
N LYS C 168 4.33 23.75 6.08
CA LYS C 168 3.64 24.06 7.37
C LYS C 168 2.65 22.99 7.76
N GLU C 169 1.94 22.45 6.77
CA GLU C 169 0.96 21.40 7.05
C GLU C 169 1.66 20.19 7.67
N TYR C 170 2.77 19.79 7.09
CA TYR C 170 3.43 18.53 7.50
C TYR C 170 4.28 18.73 8.74
N LEU C 171 4.95 19.89 8.85
CA LEU C 171 5.89 20.09 9.93
C LEU C 171 5.25 20.58 11.23
N SER C 172 3.99 21.03 11.19
CA SER C 172 3.25 21.40 12.42
C SER C 172 3.23 20.29 13.47
N TYR C 173 3.31 19.04 13.02
CA TYR C 173 3.41 17.90 13.94
C TYR C 173 4.57 18.02 14.95
N PHE C 174 5.64 18.68 14.57
CA PHE C 174 6.87 18.69 15.37
C PHE C 174 6.98 19.87 16.33
N HIS C 175 6.10 20.84 16.20
CA HIS C 175 6.36 22.09 16.90
C HIS C 175 6.35 21.88 18.40
N ASP C 176 5.52 20.97 18.91
CA ASP C 176 5.50 20.67 20.35
C ASP C 176 6.35 19.48 20.81
N LYS C 177 7.24 19.00 19.96
CA LYS C 177 8.01 17.78 20.25
C LYS C 177 9.41 18.07 20.76
N ASN C 178 9.87 19.31 20.66
CA ASN C 178 11.21 19.73 21.13
C ASN C 178 12.32 18.84 20.54
N ILE C 179 12.23 18.56 19.24
CA ILE C 179 13.27 17.75 18.62
C ILE C 179 14.59 18.51 18.50
N GLN C 180 15.70 17.79 18.56
CA GLN C 180 17.06 18.38 18.44
C GLN C 180 17.58 18.36 17.02
N ALA C 181 16.96 17.54 16.17
CA ALA C 181 17.40 17.45 14.78
C ALA C 181 16.21 16.84 14.02
N LEU C 182 16.15 17.13 12.72
CA LEU C 182 15.14 16.55 11.83
C LEU C 182 15.87 15.82 10.71
N ILE C 183 15.60 14.52 10.57
CA ILE C 183 16.17 13.77 9.49
C ILE C 183 15.35 14.00 8.22
N LEU C 184 16.02 14.49 7.20
CA LEU C 184 15.42 14.66 5.90
C LEU C 184 15.49 13.30 5.22
N GLY C 185 14.56 12.40 5.59
CA GLY C 185 14.62 10.97 5.19
C GLY C 185 14.00 10.61 3.85
N CYS C 186 14.23 11.48 2.87
CA CYS C 186 13.81 11.26 1.46
C CYS C 186 14.81 12.01 0.61
N THR C 187 15.26 11.43 -0.49
CA THR C 187 16.25 12.04 -1.37
C THR C 187 15.89 13.46 -1.84
N HIS C 188 14.59 13.72 -1.97
CA HIS C 188 14.12 14.96 -2.53
C HIS C 188 14.18 16.13 -1.55
N TYR C 189 14.13 15.85 -0.26
CA TYR C 189 13.83 16.91 0.69
C TYR C 189 14.94 17.97 0.83
N PRO C 190 16.23 17.59 0.67
CA PRO C 190 17.27 18.64 0.78
C PRO C 190 17.10 19.77 -0.24
N ILE C 191 16.44 19.51 -1.37
CA ILE C 191 16.14 20.53 -2.42
C ILE C 191 15.36 21.70 -1.81
N ILE C 192 14.48 21.42 -0.87
CA ILE C 192 13.64 22.46 -0.22
C ILE C 192 14.07 22.73 1.22
N LYS C 193 15.32 22.43 1.57
CA LYS C 193 15.77 22.63 2.94
C LYS C 193 15.66 24.10 3.40
N GLU C 194 15.84 25.07 2.51
CA GLU C 194 15.73 26.49 2.93
C GLU C 194 14.30 26.81 3.38
N SER C 195 13.30 26.21 2.72
CA SER C 195 11.89 26.41 3.09
C SER C 195 11.60 25.67 4.39
N ILE C 196 12.11 24.43 4.51
CA ILE C 196 11.93 23.69 5.78
C ILE C 196 12.49 24.46 6.98
N ALA C 197 13.70 25.01 6.81
CA ALA C 197 14.35 25.80 7.85
C ALA C 197 13.58 27.07 8.21
N LYS C 198 12.83 27.65 7.27
CA LYS C 198 11.96 28.81 7.57
C LYS C 198 10.81 28.43 8.51
N ILE C 199 10.37 27.17 8.46
CA ILE C 199 9.21 26.71 9.23
C ILE C 199 9.57 26.00 10.53
N LEU C 200 10.58 25.12 10.44
CA LEU C 200 11.07 24.35 11.58
C LEU C 200 12.59 24.48 11.61
N ASP C 201 13.06 25.47 12.35
CA ASP C 201 14.46 25.82 12.30
C ASP C 201 15.27 25.04 13.34
N VAL C 202 15.48 23.76 13.08
CA VAL C 202 16.32 22.89 13.88
C VAL C 202 17.40 22.35 12.96
N LYS C 203 18.38 21.66 13.55
CA LYS C 203 19.43 21.04 12.75
C LYS C 203 18.76 20.05 11.79
N LEU C 204 19.07 20.18 10.51
CA LEU C 204 18.58 19.28 9.47
C LEU C 204 19.67 18.28 9.07
N ILE C 205 19.35 16.99 9.09
CA ILE C 205 20.29 15.91 8.79
C ILE C 205 19.98 15.38 7.40
N ASP C 206 20.99 15.35 6.54
CA ASP C 206 20.87 14.85 5.17
C ASP C 206 21.62 13.52 5.08
N PRO C 207 20.89 12.39 5.06
CA PRO C 207 21.57 11.09 4.93
C PRO C 207 22.40 10.89 3.66
N SER C 208 22.05 11.53 2.56
N SER C 208 22.05 11.53 2.55
CA SER C 208 22.66 11.24 1.25
CA SER C 208 22.66 11.22 1.26
C SER C 208 24.16 11.52 1.23
C SER C 208 24.16 11.53 1.21
N LEU C 209 24.57 12.68 1.70
CA LEU C 209 26.01 12.99 1.75
C LEU C 209 26.79 12.05 2.68
N GLN C 210 26.22 11.73 3.83
CA GLN C 210 26.86 10.80 4.76
C GLN C 210 26.99 9.38 4.15
N ALA C 211 25.98 8.96 3.39
CA ALA C 211 26.06 7.68 2.68
C ALA C 211 27.22 7.66 1.71
N SER C 212 27.40 8.78 0.99
CA SER C 212 28.50 8.91 0.07
C SER C 212 29.85 8.84 0.79
N LYS C 213 29.99 9.50 1.94
CA LYS C 213 31.20 9.38 2.77
C LYS C 213 31.48 7.94 3.23
N LEU C 215 30.62 5.25 1.73
CA LEU C 215 31.06 4.44 0.61
C LEU C 215 32.54 4.68 0.36
N TYR C 216 32.99 5.95 0.41
CA TYR C 216 34.41 6.27 0.25
C TYR C 216 35.21 5.51 1.31
N SER C 217 34.78 5.59 2.56
CA SER C 217 35.50 4.93 3.65
C SER C 217 35.62 3.44 3.39
N LEU C 218 34.53 2.80 2.99
CA LEU C 218 34.54 1.37 2.66
C LEU C 218 35.57 1.04 1.56
N LEU C 219 35.48 1.73 0.44
CA LEU C 219 36.48 1.53 -0.62
C LEU C 219 37.93 1.85 -0.20
N PHE C 220 38.13 2.91 0.58
CA PHE C 220 39.49 3.35 0.94
C PHE C 220 40.17 2.38 1.88
N GLU C 221 39.46 2.02 2.94
CA GLU C 221 40.03 1.15 3.95
C GLU C 221 40.15 -0.30 3.40
N ASN C 222 39.17 -0.75 2.60
CA ASN C 222 39.20 -2.10 1.97
C ASN C 222 40.00 -2.21 0.65
N LYS C 223 40.71 -1.16 0.25
CA LYS C 223 41.53 -1.20 -0.96
C LYS C 223 40.74 -1.60 -2.24
N LEU C 224 39.61 -0.94 -2.48
CA LEU C 224 38.78 -1.21 -3.65
C LEU C 224 38.70 0.06 -4.52
N LEU C 225 39.61 1.02 -4.35
CA LEU C 225 39.62 2.24 -5.16
C LEU C 225 40.20 2.03 -6.57
N ASN C 226 39.56 2.66 -7.55
CA ASN C 226 39.96 2.60 -8.97
C ASN C 226 41.09 3.61 -9.20
N THR C 227 42.25 3.14 -9.71
CA THR C 227 43.38 4.06 -10.04
C THR C 227 43.79 4.05 -11.53
N THR C 228 42.85 3.71 -12.41
CA THR C 228 43.13 3.64 -13.83
C THR C 228 43.26 5.05 -14.40
N LYS C 229 43.88 5.15 -15.58
CA LYS C 229 44.05 6.42 -16.27
C LYS C 229 42.99 6.66 -17.34
N SER C 230 42.16 5.65 -17.60
CA SER C 230 41.05 5.80 -18.54
C SER C 230 40.01 6.70 -17.88
N ASN C 231 39.45 7.60 -18.66
CA ASN C 231 38.47 8.57 -18.17
C ASN C 231 37.31 7.83 -17.48
N PRO C 232 36.80 8.34 -16.36
CA PRO C 232 35.62 7.70 -15.74
C PRO C 232 34.43 7.62 -16.69
N GLU C 233 33.69 6.50 -16.62
CA GLU C 233 32.51 6.26 -17.43
C GLU C 233 31.29 6.34 -16.52
N TYR C 234 30.28 7.08 -16.94
CA TYR C 234 29.03 7.25 -16.19
C TYR C 234 27.89 6.68 -17.03
N ARG C 235 27.11 5.75 -16.48
CA ARG C 235 25.98 5.19 -17.22
C ARG C 235 24.75 5.35 -16.39
N PHE C 236 23.66 5.79 -17.04
CA PHE C 236 22.37 5.99 -16.38
C PHE C 236 21.33 5.10 -17.06
N TYR C 237 20.95 4.04 -16.37
CA TYR C 237 20.01 3.06 -16.85
C TYR C 237 18.65 3.39 -16.23
N VAL C 238 17.62 3.46 -17.08
CA VAL C 238 16.30 3.84 -16.59
C VAL C 238 15.25 2.97 -17.29
N THR C 239 14.09 2.81 -16.67
CA THR C 239 13.02 2.03 -17.29
C THR C 239 12.06 2.90 -18.10
N ASP C 240 12.25 4.22 -18.10
CA ASP C 240 11.49 5.17 -18.94
C ASP C 240 12.25 6.46 -19.06
N ILE C 241 12.01 7.19 -20.15
CA ILE C 241 12.51 8.57 -20.26
C ILE C 241 11.29 9.46 -20.44
N PRO C 242 10.70 9.88 -19.32
CA PRO C 242 9.50 10.69 -19.38
C PRO C 242 9.76 12.13 -19.74
N LEU C 243 8.65 12.85 -19.79
CA LEU C 243 8.58 14.13 -20.43
C LEU C 243 9.76 15.04 -20.09
N LYS C 244 9.80 15.44 -18.85
CA LYS C 244 10.75 16.43 -18.46
C LYS C 244 11.86 15.76 -17.66
N PHE C 245 12.14 14.50 -17.96
CA PHE C 245 13.10 13.74 -17.14
C PHE C 245 14.48 14.37 -17.06
N ARG C 246 15.05 14.78 -18.19
CA ARG C 246 16.40 15.35 -18.13
C ARG C 246 16.43 16.62 -17.30
N SER C 247 15.43 17.48 -17.48
CA SER C 247 15.45 18.74 -16.75
C SER C 247 15.26 18.55 -15.23
N VAL C 248 14.39 17.63 -14.85
CA VAL C 248 14.20 17.33 -13.46
C VAL C 248 15.43 16.63 -12.90
N GLY C 249 15.99 15.65 -13.64
CA GLY C 249 17.15 14.89 -13.17
C GLY C 249 18.35 15.78 -13.04
N GLU C 250 18.46 16.75 -13.94
CA GLU C 250 19.62 17.65 -13.95
C GLU C 250 19.55 18.67 -12.76
N PHE C 252 18.88 17.61 -9.75
CA PHE C 252 19.58 16.86 -8.73
C PHE C 252 21.05 16.57 -9.06
N LEU C 253 21.33 16.28 -10.32
CA LEU C 253 22.68 15.81 -10.69
C LEU C 253 23.65 16.97 -10.83
N GLN C 254 23.09 18.08 -11.32
CA GLN C 254 23.78 19.37 -11.57
C GLN C 254 24.80 19.31 -12.69
N THR C 255 24.64 18.32 -13.56
CA THR C 255 25.38 18.18 -14.80
C THR C 255 24.54 17.29 -15.73
N GLU C 256 24.92 17.17 -17.00
CA GLU C 256 24.17 16.33 -17.95
C GLU C 256 24.48 14.85 -17.81
N GLN C 258 25.32 11.81 -19.75
CA GLN C 258 25.81 11.69 -21.10
C GLN C 258 25.38 10.40 -21.80
N HIS C 259 25.21 9.32 -21.04
CA HIS C 259 24.69 8.04 -21.51
C HIS C 259 23.40 7.73 -20.71
N LEU C 260 22.25 7.90 -21.34
CA LEU C 260 20.93 7.63 -20.72
C LEU C 260 20.21 6.60 -21.56
N GLU C 261 20.03 5.38 -21.01
CA GLU C 261 19.61 4.25 -21.81
C GLU C 261 18.42 3.54 -21.15
N ILE C 262 17.36 3.33 -21.92
CA ILE C 262 16.21 2.60 -21.46
C ILE C 262 16.47 1.10 -21.47
N VAL C 263 16.19 0.46 -20.32
CA VAL C 263 16.32 -0.99 -20.16
C VAL C 263 14.99 -1.56 -19.67
N SER C 264 14.81 -2.85 -19.88
CA SER C 264 13.63 -3.50 -19.33
C SER C 264 14.06 -4.47 -18.24
N LEU C 265 13.28 -4.50 -17.17
CA LEU C 265 13.55 -5.42 -16.05
C LEU C 265 12.65 -6.66 -16.12
N ASP C 266 11.86 -6.78 -17.16
CA ASP C 266 10.81 -7.80 -17.24
C ASP C 266 11.34 -9.23 -17.16
N SER C 267 12.60 -9.43 -17.54
CA SER C 267 13.23 -10.76 -17.49
C SER C 267 13.66 -11.16 -16.07
N TYR C 268 13.67 -10.21 -15.14
CA TYR C 268 14.05 -10.47 -13.74
C TYR C 268 12.85 -10.71 -12.84
#